data_8X3P
#
_entry.id   8X3P
#
_entity_poly.entity_id   1
_entity_poly.type   'polypeptide(L)'
_entity_poly.pdbx_seq_one_letter_code
;GGSDEDALKAARAIKFLYQSNPPPNPEGTRQARRNRRRRWRERQRQIHSASERIASTYL
;
_entity_poly.pdbx_strand_id   A
#
# COMPACT_ATOMS: atom_id res chain seq x y z
N GLY A 1 -20.79 -2.27 -17.20
CA GLY A 1 -21.67 -1.26 -16.64
C GLY A 1 -21.64 0.03 -17.43
N GLY A 2 -20.45 0.50 -17.74
CA GLY A 2 -20.31 1.74 -18.50
C GLY A 2 -18.88 2.21 -18.60
N SER A 3 -18.67 3.29 -19.32
CA SER A 3 -17.32 3.85 -19.50
C SER A 3 -16.79 4.40 -18.18
N ASP A 4 -17.66 5.03 -17.42
CA ASP A 4 -17.28 5.61 -16.13
C ASP A 4 -17.60 4.66 -14.99
N GLU A 5 -18.73 3.96 -15.11
CA GLU A 5 -19.15 3.01 -14.09
C GLU A 5 -18.08 1.96 -13.83
N ASP A 6 -17.45 1.49 -14.91
CA ASP A 6 -16.40 0.49 -14.81
C ASP A 6 -15.15 1.08 -14.16
N ALA A 7 -14.76 2.27 -14.61
CA ALA A 7 -13.59 2.95 -14.09
C ALA A 7 -13.66 3.08 -12.56
N LEU A 8 -14.84 3.44 -12.07
CA LEU A 8 -15.04 3.60 -10.63
C LEU A 8 -14.72 2.31 -9.88
N LYS A 9 -15.04 1.17 -10.50
CA LYS A 9 -14.77 -0.13 -9.90
C LYS A 9 -13.28 -0.33 -9.69
N ALA A 10 -12.48 0.06 -10.67
CA ALA A 10 -11.03 -0.07 -10.58
C ALA A 10 -10.48 0.66 -9.36
N ALA A 11 -10.98 1.87 -9.13
CA ALA A 11 -10.54 2.68 -7.99
C ALA A 11 -11.51 3.82 -7.72
N ARG A 12 -12.11 3.81 -6.53
CA ARG A 12 -13.06 4.85 -6.14
C ARG A 12 -12.37 5.95 -5.35
N ALA A 13 -11.36 5.58 -4.59
CA ALA A 13 -10.61 6.54 -3.78
C ALA A 13 -9.32 6.96 -4.48
N ILE A 14 -8.93 8.21 -4.28
CA ILE A 14 -7.71 8.73 -4.90
C ILE A 14 -6.49 7.93 -4.46
N LYS A 15 -6.50 7.46 -3.22
CA LYS A 15 -5.40 6.67 -2.68
C LYS A 15 -5.25 5.36 -3.45
N PHE A 16 -4.20 5.27 -4.27
CA PHE A 16 -3.94 4.07 -5.06
C PHE A 16 -2.74 3.32 -4.51
N LEU A 17 -2.78 1.99 -4.63
CA LEU A 17 -1.70 1.15 -4.15
C LEU A 17 -1.09 0.33 -5.29
N TYR A 18 0.22 0.14 -5.25
CA TYR A 18 0.92 -0.62 -6.27
C TYR A 18 1.09 -2.08 -5.86
N GLN A 19 0.50 -2.98 -6.64
CA GLN A 19 0.57 -4.40 -6.35
C GLN A 19 1.23 -5.16 -7.51
N SER A 20 1.72 -6.35 -7.22
CA SER A 20 2.38 -7.17 -8.24
C SER A 20 1.35 -7.81 -9.17
N ASN A 21 1.82 -8.32 -10.30
CA ASN A 21 0.94 -8.95 -11.27
C ASN A 21 1.54 -10.28 -11.76
N PRO A 22 1.57 -11.27 -10.86
CA PRO A 22 2.12 -12.60 -11.16
C PRO A 22 1.23 -13.37 -12.13
N PRO A 23 1.77 -14.48 -12.66
CA PRO A 23 1.04 -15.33 -13.61
C PRO A 23 -0.11 -16.08 -12.95
N PRO A 24 -0.98 -16.69 -13.78
CA PRO A 24 -2.13 -17.46 -13.30
C PRO A 24 -1.72 -18.75 -12.62
N ASN A 25 -2.53 -19.20 -11.66
CA ASN A 25 -2.25 -20.43 -10.94
C ASN A 25 -3.49 -20.93 -10.20
N PRO A 26 -4.47 -21.42 -10.97
CA PRO A 26 -5.72 -21.93 -10.41
C PRO A 26 -5.53 -23.24 -9.64
N GLU A 27 -4.62 -24.09 -10.14
CA GLU A 27 -4.34 -25.36 -9.50
C GLU A 27 -2.85 -25.51 -9.22
N GLY A 28 -2.29 -24.53 -8.53
CA GLY A 28 -0.87 -24.57 -8.20
C GLY A 28 0.00 -24.03 -9.32
N THR A 29 0.15 -24.81 -10.39
CA THR A 29 0.95 -24.40 -11.53
C THR A 29 0.44 -25.02 -12.82
N ARG A 30 -0.23 -24.21 -13.64
CA ARG A 30 -0.78 -24.68 -14.90
C ARG A 30 -0.33 -23.79 -16.05
N GLN A 31 -0.02 -24.42 -17.19
CA GLN A 31 0.43 -23.68 -18.36
C GLN A 31 -0.56 -23.84 -19.52
N ALA A 32 -1.38 -22.82 -19.72
CA ALA A 32 -2.38 -22.84 -20.80
C ALA A 32 -1.84 -22.19 -22.06
N ARG A 33 -1.39 -23.01 -23.00
CA ARG A 33 -0.84 -22.51 -24.26
C ARG A 33 -1.24 -23.41 -25.42
N ARG A 34 -1.18 -22.87 -26.64
CA ARG A 34 -1.54 -23.63 -27.82
C ARG A 34 -0.41 -24.58 -28.22
N ASN A 35 -0.72 -25.86 -28.32
CA ASN A 35 0.26 -26.87 -28.69
C ASN A 35 -0.39 -28.01 -29.47
N ARG A 36 0.38 -28.62 -30.36
CA ARG A 36 -0.12 -29.74 -31.17
C ARG A 36 0.87 -30.89 -31.19
N ARG A 37 0.37 -32.10 -31.02
CA ARG A 37 1.22 -33.29 -31.01
C ARG A 37 1.41 -33.82 -32.43
N ARG A 38 2.65 -33.72 -32.91
CA ARG A 38 2.97 -34.18 -34.26
C ARG A 38 3.33 -35.67 -34.26
N ARG A 39 3.21 -36.30 -35.41
CA ARG A 39 3.52 -37.73 -35.54
C ARG A 39 4.41 -37.98 -36.75
N TRP A 40 4.74 -39.25 -36.97
CA TRP A 40 5.59 -39.63 -38.10
C TRP A 40 5.12 -40.94 -38.72
N ARG A 41 5.62 -41.24 -39.91
CA ARG A 41 5.25 -42.47 -40.61
C ARG A 41 6.50 -43.30 -40.94
N GLU A 42 7.00 -44.03 -39.95
CA GLU A 42 8.19 -44.87 -40.14
C GLU A 42 8.44 -45.74 -38.93
N ARG A 43 8.55 -47.05 -39.16
CA ARG A 43 8.79 -47.99 -38.07
C ARG A 43 9.93 -48.94 -38.43
N GLN A 44 10.50 -49.59 -37.41
CA GLN A 44 11.59 -50.52 -37.62
C GLN A 44 11.07 -51.92 -37.94
N ARG A 45 11.66 -52.54 -38.96
CA ARG A 45 11.25 -53.88 -39.37
C ARG A 45 12.41 -54.86 -39.25
N GLN A 46 12.37 -55.68 -38.21
CA GLN A 46 13.42 -56.67 -37.97
C GLN A 46 12.93 -58.08 -38.31
N ILE A 47 13.80 -59.06 -38.12
CA ILE A 47 13.46 -60.46 -38.41
C ILE A 47 14.22 -61.40 -37.49
N HIS A 48 13.53 -62.44 -37.02
CA HIS A 48 14.15 -63.43 -36.14
C HIS A 48 14.48 -64.70 -36.90
N SER A 49 15.58 -64.67 -37.66
CA SER A 49 16.01 -65.82 -38.44
C SER A 49 17.28 -66.44 -37.84
N ALA A 50 17.10 -67.27 -36.84
CA ALA A 50 18.22 -67.94 -36.19
C ALA A 50 18.26 -69.43 -36.51
N SER A 51 18.11 -69.75 -37.79
CA SER A 51 18.11 -71.14 -38.23
C SER A 51 19.44 -71.82 -37.90
N GLU A 52 19.56 -73.09 -38.25
CA GLU A 52 20.78 -73.85 -38.00
C GLU A 52 21.19 -74.64 -39.23
N ARG A 53 22.24 -74.18 -39.90
CA ARG A 53 22.74 -74.85 -41.10
C ARG A 53 24.16 -75.36 -40.89
N ILE A 54 24.34 -76.66 -41.09
CA ILE A 54 25.66 -77.27 -40.91
C ILE A 54 26.40 -77.37 -42.24
N ALA A 55 27.64 -77.83 -42.19
CA ALA A 55 28.46 -77.98 -43.39
C ALA A 55 28.42 -79.42 -43.92
N SER A 56 27.39 -79.72 -44.71
CA SER A 56 27.24 -81.05 -45.27
C SER A 56 28.24 -81.29 -46.40
N THR A 57 29.50 -81.53 -46.03
CA THR A 57 30.55 -81.78 -47.01
C THR A 57 30.31 -83.08 -47.76
N TYR A 58 30.25 -84.18 -47.02
CA TYR A 58 30.04 -85.49 -47.60
C TYR A 58 28.58 -85.93 -47.46
N LEU A 59 28.22 -87.01 -48.14
CA LEU A 59 26.85 -87.52 -48.08
C LEU A 59 26.48 -87.92 -46.67
N GLY A 1 -17.33 5.38 -27.39
CA GLY A 1 -17.79 4.82 -26.13
C GLY A 1 -17.06 5.42 -24.94
N GLY A 2 -17.50 5.05 -23.73
CA GLY A 2 -16.87 5.56 -22.53
C GLY A 2 -17.08 4.65 -21.34
N SER A 3 -16.16 4.70 -20.38
CA SER A 3 -16.24 3.87 -19.19
C SER A 3 -16.24 4.72 -17.93
N ASP A 4 -17.42 4.93 -17.36
CA ASP A 4 -17.56 5.73 -16.15
C ASP A 4 -17.74 4.83 -14.93
N GLU A 5 -18.55 3.79 -15.08
CA GLU A 5 -18.81 2.86 -13.98
C GLU A 5 -17.62 1.92 -13.78
N ASP A 6 -17.20 1.26 -14.85
CA ASP A 6 -16.07 0.34 -14.78
C ASP A 6 -14.84 1.02 -14.20
N ALA A 7 -14.65 2.29 -14.54
CA ALA A 7 -13.51 3.05 -14.06
C ALA A 7 -13.60 3.27 -12.54
N LEU A 8 -14.81 3.50 -12.06
CA LEU A 8 -15.04 3.73 -10.64
C LEU A 8 -14.78 2.46 -9.84
N LYS A 9 -15.15 1.32 -10.41
CA LYS A 9 -14.96 0.04 -9.75
C LYS A 9 -13.47 -0.34 -9.71
N ALA A 10 -12.75 0.02 -10.77
CA ALA A 10 -11.33 -0.27 -10.85
C ALA A 10 -10.58 0.28 -9.64
N ALA A 11 -10.79 1.56 -9.36
CA ALA A 11 -10.14 2.21 -8.23
C ALA A 11 -10.51 1.52 -6.91
N ARG A 12 -9.50 1.21 -6.11
CA ARG A 12 -9.72 0.56 -4.83
C ARG A 12 -10.46 1.48 -3.87
N ALA A 13 -10.90 0.92 -2.74
CA ALA A 13 -11.63 1.69 -1.74
C ALA A 13 -11.22 1.27 -0.32
N ILE A 14 -11.50 2.14 0.64
CA ILE A 14 -11.16 1.86 2.03
C ILE A 14 -12.41 1.82 2.91
N LYS A 15 -13.38 2.69 2.59
CA LYS A 15 -14.62 2.75 3.34
C LYS A 15 -15.39 1.44 3.23
N PHE A 16 -15.83 0.91 4.37
CA PHE A 16 -16.58 -0.33 4.39
C PHE A 16 -17.50 -0.39 5.61
N LEU A 17 -18.70 -0.93 5.42
CA LEU A 17 -19.67 -1.04 6.51
C LEU A 17 -19.18 -2.01 7.58
N TYR A 18 -19.66 -1.81 8.80
CA TYR A 18 -19.27 -2.66 9.92
C TYR A 18 -19.60 -4.13 9.63
N GLN A 19 -19.01 -5.02 10.42
CA GLN A 19 -19.24 -6.45 10.24
C GLN A 19 -20.68 -6.82 10.60
N SER A 20 -21.37 -7.46 9.66
CA SER A 20 -22.76 -7.86 9.87
C SER A 20 -22.86 -8.86 11.01
N ASN A 21 -24.08 -9.32 11.28
CA ASN A 21 -24.32 -10.28 12.35
C ASN A 21 -24.92 -11.58 11.79
N PRO A 22 -24.10 -12.34 11.06
CA PRO A 22 -24.52 -13.61 10.46
C PRO A 22 -24.76 -14.69 11.51
N PRO A 23 -25.38 -15.80 11.08
CA PRO A 23 -25.68 -16.94 11.97
C PRO A 23 -24.42 -17.69 12.38
N PRO A 24 -24.57 -18.57 13.38
CA PRO A 24 -23.46 -19.37 13.89
C PRO A 24 -22.99 -20.43 12.89
N ASN A 25 -21.75 -20.88 13.04
CA ASN A 25 -21.19 -21.89 12.15
C ASN A 25 -20.55 -23.03 12.94
N PRO A 26 -21.40 -23.84 13.60
CA PRO A 26 -20.94 -24.97 14.40
C PRO A 26 -20.37 -26.10 13.55
N GLU A 27 -20.95 -26.29 12.37
CA GLU A 27 -20.50 -27.34 11.46
C GLU A 27 -20.54 -28.71 12.13
N GLY A 28 -21.56 -28.91 12.97
CA GLY A 28 -21.69 -30.19 13.67
C GLY A 28 -22.89 -30.97 13.19
N THR A 29 -22.66 -32.22 12.81
CA THR A 29 -23.73 -33.10 12.33
C THR A 29 -24.28 -33.96 13.47
N ARG A 30 -24.42 -33.37 14.64
CA ARG A 30 -24.94 -34.09 15.80
C ARG A 30 -26.46 -33.97 15.87
N GLN A 31 -27.05 -34.68 16.83
CA GLN A 31 -28.50 -34.67 17.00
C GLN A 31 -28.87 -34.35 18.45
N ALA A 32 -29.32 -33.12 18.68
CA ALA A 32 -29.71 -32.69 20.01
C ALA A 32 -30.91 -33.49 20.53
N ARG A 33 -31.28 -33.25 21.78
CA ARG A 33 -32.40 -33.95 22.39
C ARG A 33 -33.72 -33.52 21.76
N ARG A 34 -34.65 -34.45 21.63
CA ARG A 34 -35.95 -34.17 21.04
C ARG A 34 -37.04 -34.17 22.10
N ASN A 35 -38.07 -33.35 21.91
CA ASN A 35 -39.18 -33.26 22.85
C ASN A 35 -40.27 -32.35 22.31
N ARG A 36 -41.42 -32.38 22.96
CA ARG A 36 -42.56 -31.56 22.55
C ARG A 36 -43.38 -31.11 23.76
N ARG A 37 -43.90 -29.89 23.70
CA ARG A 37 -44.70 -29.34 24.78
C ARG A 37 -43.90 -29.31 26.08
N ARG A 38 -42.64 -28.89 25.99
CA ARG A 38 -41.77 -28.81 27.15
C ARG A 38 -42.29 -27.78 28.16
N ARG A 39 -41.87 -27.92 29.41
CA ARG A 39 -42.31 -27.01 30.46
C ARG A 39 -41.63 -25.66 30.31
N TRP A 40 -42.36 -24.59 30.64
CA TRP A 40 -41.83 -23.24 30.54
C TRP A 40 -42.06 -22.47 31.84
N ARG A 41 -41.41 -21.32 31.96
CA ARG A 41 -41.54 -20.49 33.15
C ARG A 41 -42.88 -19.75 33.16
N GLU A 42 -43.88 -20.36 33.78
CA GLU A 42 -45.20 -19.76 33.85
C GLU A 42 -45.47 -19.21 35.25
N ARG A 43 -46.54 -18.42 35.37
CA ARG A 43 -46.91 -17.83 36.66
C ARG A 43 -46.99 -18.90 37.74
N GLN A 44 -46.81 -18.48 38.99
CA GLN A 44 -46.87 -19.40 40.13
C GLN A 44 -48.26 -19.41 40.75
N ARG A 45 -48.50 -20.36 41.65
CA ARG A 45 -49.79 -20.48 42.32
C ARG A 45 -50.14 -19.17 43.04
N GLN A 46 -51.32 -18.64 42.75
CA GLN A 46 -51.78 -17.40 43.37
C GLN A 46 -51.69 -17.49 44.88
N ILE A 47 -51.34 -16.37 45.52
CA ILE A 47 -51.22 -16.33 46.97
C ILE A 47 -51.68 -14.98 47.52
N HIS A 48 -52.48 -15.02 48.58
CA HIS A 48 -52.98 -13.81 49.20
C HIS A 48 -53.60 -14.10 50.57
N SER A 49 -53.03 -13.51 51.61
CA SER A 49 -53.51 -13.71 52.96
C SER A 49 -54.59 -12.69 53.32
N ALA A 50 -55.84 -13.14 53.31
CA ALA A 50 -56.97 -12.26 53.62
C ALA A 50 -57.36 -12.40 55.09
N SER A 51 -56.37 -12.58 55.96
CA SER A 51 -56.62 -12.72 57.38
C SER A 51 -56.69 -11.35 58.06
N GLU A 52 -56.89 -11.37 59.38
CA GLU A 52 -56.97 -10.13 60.15
C GLU A 52 -55.59 -9.58 60.45
N ARG A 53 -55.51 -8.27 60.67
CA ARG A 53 -54.24 -7.62 60.97
C ARG A 53 -54.11 -7.33 62.46
N ILE A 54 -52.96 -6.79 62.85
CA ILE A 54 -52.72 -6.47 64.26
C ILE A 54 -52.40 -4.99 64.43
N ALA A 55 -53.11 -4.34 65.34
CA ALA A 55 -52.90 -2.92 65.61
C ALA A 55 -51.89 -2.72 66.72
N SER A 56 -51.66 -1.46 67.10
CA SER A 56 -50.73 -1.13 68.16
C SER A 56 -51.40 -0.33 69.27
N THR A 57 -52.34 -0.97 69.96
CA THR A 57 -53.06 -0.32 71.04
C THR A 57 -52.10 0.28 72.07
N TYR A 58 -52.07 1.60 72.13
CA TYR A 58 -51.19 2.29 73.07
C TYR A 58 -51.89 2.50 74.42
N LEU A 59 -51.09 2.55 75.48
CA LEU A 59 -51.63 2.75 76.83
C LEU A 59 -52.55 3.96 76.87
N GLY A 1 -21.21 4.41 -26.48
CA GLY A 1 -19.79 4.62 -26.67
C GLY A 1 -18.95 3.87 -25.65
N GLY A 2 -18.86 4.40 -24.45
CA GLY A 2 -18.08 3.75 -23.40
C GLY A 2 -18.77 3.79 -22.06
N SER A 3 -18.11 3.25 -21.03
CA SER A 3 -18.67 3.22 -19.69
C SER A 3 -17.75 3.93 -18.69
N ASP A 4 -18.35 4.62 -17.73
CA ASP A 4 -17.58 5.35 -16.72
C ASP A 4 -17.59 4.58 -15.40
N GLU A 5 -18.72 3.95 -15.08
CA GLU A 5 -18.85 3.19 -13.85
C GLU A 5 -17.71 2.19 -13.70
N ASP A 6 -17.29 1.61 -14.82
CA ASP A 6 -16.20 0.64 -14.80
C ASP A 6 -14.96 1.22 -14.15
N ALA A 7 -14.72 2.51 -14.37
CA ALA A 7 -13.56 3.18 -13.80
C ALA A 7 -13.63 3.20 -12.28
N LEU A 8 -14.81 3.53 -11.75
CA LEU A 8 -15.01 3.58 -10.31
C LEU A 8 -14.69 2.24 -9.66
N LYS A 9 -15.10 1.16 -10.32
CA LYS A 9 -14.85 -0.19 -9.82
C LYS A 9 -13.35 -0.50 -9.80
N ALA A 10 -12.65 -0.04 -10.82
CA ALA A 10 -11.21 -0.26 -10.93
C ALA A 10 -10.49 0.22 -9.67
N ALA A 11 -10.78 1.47 -9.28
CA ALA A 11 -10.16 2.05 -8.09
C ALA A 11 -10.61 1.34 -6.83
N ARG A 12 -9.79 1.42 -5.79
CA ARG A 12 -10.11 0.78 -4.51
C ARG A 12 -9.96 1.77 -3.36
N ALA A 13 -11.08 2.23 -2.82
CA ALA A 13 -11.07 3.18 -1.71
C ALA A 13 -10.28 2.63 -0.53
N ILE A 14 -9.15 3.27 -0.24
CA ILE A 14 -8.30 2.85 0.87
C ILE A 14 -8.17 3.96 1.90
N LYS A 15 -9.25 4.24 2.61
CA LYS A 15 -9.25 5.27 3.64
C LYS A 15 -8.69 4.73 4.95
N PHE A 16 -7.37 4.57 5.00
CA PHE A 16 -6.72 4.06 6.20
C PHE A 16 -5.84 5.14 6.83
N LEU A 17 -6.45 5.97 7.68
CA LEU A 17 -5.74 7.04 8.35
C LEU A 17 -5.44 6.67 9.81
N TYR A 18 -4.24 7.03 10.26
CA TYR A 18 -3.83 6.72 11.63
C TYR A 18 -3.25 7.96 12.31
N GLN A 19 -3.82 9.12 12.00
CA GLN A 19 -3.37 10.38 12.58
C GLN A 19 -4.53 11.16 13.17
N SER A 20 -4.24 11.92 14.24
CA SER A 20 -5.27 12.70 14.91
C SER A 20 -4.64 13.86 15.69
N ASN A 21 -4.81 15.07 15.16
CA ASN A 21 -4.26 16.26 15.80
C ASN A 21 -5.06 17.51 15.42
N PRO A 22 -6.30 17.58 15.91
CA PRO A 22 -7.20 18.72 15.63
C PRO A 22 -6.73 19.99 16.32
N PRO A 23 -7.34 21.12 15.92
CA PRO A 23 -7.01 22.44 16.48
C PRO A 23 -7.48 22.59 17.93
N PRO A 24 -7.00 23.64 18.61
CA PRO A 24 -7.35 23.91 20.00
C PRO A 24 -8.80 24.35 20.15
N ASN A 25 -9.68 23.38 20.40
CA ASN A 25 -11.10 23.67 20.56
C ASN A 25 -11.59 23.24 21.94
N PRO A 26 -11.18 23.99 22.98
CA PRO A 26 -11.57 23.69 24.36
C PRO A 26 -13.03 23.97 24.63
N GLU A 27 -13.55 25.04 24.03
CA GLU A 27 -14.96 25.40 24.20
C GLU A 27 -15.45 26.23 23.01
N GLY A 28 -16.29 25.62 22.19
CA GLY A 28 -16.82 26.31 21.02
C GLY A 28 -18.32 26.15 20.90
N THR A 29 -18.78 24.91 20.75
CA THR A 29 -20.20 24.63 20.61
C THR A 29 -20.48 23.14 20.76
N ARG A 30 -21.15 22.76 21.84
CA ARG A 30 -21.49 21.37 22.09
C ARG A 30 -22.93 21.23 22.57
N GLN A 31 -23.42 20.00 22.61
CA GLN A 31 -24.79 19.74 23.04
C GLN A 31 -24.88 18.40 23.79
N ALA A 32 -25.22 18.47 25.07
CA ALA A 32 -25.35 17.28 25.89
C ALA A 32 -26.77 17.11 26.41
N ARG A 33 -27.74 17.43 25.57
CA ARG A 33 -29.14 17.32 25.95
C ARG A 33 -29.95 16.59 24.87
N ARG A 34 -31.23 16.40 25.12
CA ARG A 34 -32.11 15.72 24.17
C ARG A 34 -33.12 16.69 23.58
N ASN A 35 -33.54 16.41 22.34
CA ASN A 35 -34.51 17.27 21.66
C ASN A 35 -35.94 16.81 21.96
N ARG A 36 -36.90 17.67 21.66
CA ARG A 36 -38.30 17.36 21.90
C ARG A 36 -39.17 17.82 20.72
N ARG A 37 -40.12 16.98 20.33
CA ARG A 37 -41.01 17.30 19.21
C ARG A 37 -42.11 16.25 19.08
N ARG A 38 -43.14 16.58 18.31
CA ARG A 38 -44.26 15.67 18.11
C ARG A 38 -44.31 15.19 16.66
N ARG A 39 -45.14 14.17 16.41
CA ARG A 39 -45.27 13.62 15.07
C ARG A 39 -46.75 13.45 14.69
N TRP A 40 -47.08 13.84 13.47
CA TRP A 40 -48.46 13.74 12.99
C TRP A 40 -48.57 12.69 11.89
N ARG A 41 -49.78 12.15 11.72
CA ARG A 41 -50.02 11.13 10.71
C ARG A 41 -51.52 10.94 10.48
N GLU A 42 -51.88 10.69 9.22
CA GLU A 42 -53.29 10.49 8.88
C GLU A 42 -53.41 9.66 7.60
N ARG A 43 -54.57 9.04 7.42
CA ARG A 43 -54.83 8.21 6.24
C ARG A 43 -54.94 9.07 4.98
N GLN A 44 -55.17 8.42 3.85
CA GLN A 44 -55.30 9.13 2.58
C GLN A 44 -56.69 8.92 1.97
N ARG A 45 -57.00 9.67 0.93
CA ARG A 45 -58.29 9.57 0.27
C ARG A 45 -58.11 9.48 -1.25
N GLN A 46 -58.44 8.33 -1.82
CA GLN A 46 -58.32 8.11 -3.25
C GLN A 46 -59.13 6.90 -3.70
N ILE A 47 -59.76 7.01 -4.87
CA ILE A 47 -60.57 5.93 -5.41
C ILE A 47 -60.38 5.80 -6.91
N HIS A 48 -59.93 4.63 -7.36
CA HIS A 48 -59.72 4.38 -8.77
C HIS A 48 -60.56 3.20 -9.25
N SER A 49 -61.49 3.47 -10.17
CA SER A 49 -62.37 2.43 -10.70
C SER A 49 -61.75 1.79 -11.94
N ALA A 50 -61.75 0.46 -11.96
CA ALA A 50 -61.18 -0.28 -13.09
C ALA A 50 -62.29 -0.93 -13.92
N SER A 51 -63.14 -0.11 -14.52
CA SER A 51 -64.24 -0.60 -15.33
C SER A 51 -63.71 -1.37 -16.54
N GLU A 52 -63.18 -0.64 -17.51
CA GLU A 52 -62.64 -1.25 -18.72
C GLU A 52 -61.32 -0.59 -19.12
N ARG A 53 -60.61 -1.24 -20.04
CA ARG A 53 -59.32 -0.72 -20.51
C ARG A 53 -58.94 -1.34 -21.85
N ILE A 54 -58.29 -0.55 -22.70
CA ILE A 54 -57.87 -1.02 -24.01
C ILE A 54 -56.61 -0.30 -24.48
N ALA A 55 -56.13 -0.67 -25.66
CA ALA A 55 -54.92 -0.05 -26.22
C ALA A 55 -55.15 0.36 -27.67
N SER A 56 -54.71 1.57 -28.01
CA SER A 56 -54.87 2.09 -29.36
C SER A 56 -53.51 2.34 -30.01
N THR A 57 -52.62 1.35 -29.90
CA THR A 57 -51.28 1.47 -30.48
C THR A 57 -51.26 0.94 -31.91
N TYR A 58 -50.20 1.30 -32.63
CA TYR A 58 -50.05 0.87 -34.02
C TYR A 58 -48.61 1.04 -34.49
N LEU A 59 -48.26 0.34 -35.57
CA LEU A 59 -46.91 0.42 -36.12
C LEU A 59 -46.66 1.79 -36.75
N GLY A 1 -20.94 5.45 -26.09
CA GLY A 1 -20.23 4.59 -25.17
C GLY A 1 -20.29 5.10 -23.74
N GLY A 2 -19.80 4.30 -22.80
CA GLY A 2 -19.80 4.69 -21.41
C GLY A 2 -18.93 3.81 -20.55
N SER A 3 -17.82 4.37 -20.06
CA SER A 3 -16.90 3.62 -19.22
C SER A 3 -16.64 4.34 -17.90
N ASP A 4 -17.71 4.87 -17.31
CA ASP A 4 -17.62 5.58 -16.04
C ASP A 4 -17.66 4.61 -14.87
N GLU A 5 -18.63 3.71 -14.90
CA GLU A 5 -18.77 2.73 -13.83
C GLU A 5 -17.55 1.81 -13.74
N ASP A 6 -17.06 1.38 -14.90
CA ASP A 6 -15.90 0.51 -14.97
C ASP A 6 -14.72 1.13 -14.22
N ALA A 7 -14.35 2.33 -14.61
CA ALA A 7 -13.23 3.03 -13.99
C ALA A 7 -13.50 3.26 -12.50
N LEU A 8 -14.76 3.53 -12.17
CA LEU A 8 -15.15 3.78 -10.78
C LEU A 8 -14.78 2.59 -9.89
N LYS A 9 -15.28 1.41 -10.26
CA LYS A 9 -15.01 0.20 -9.50
C LYS A 9 -13.54 -0.22 -9.65
N ALA A 10 -12.99 -0.01 -10.85
CA ALA A 10 -11.61 -0.36 -11.12
C ALA A 10 -10.66 0.38 -10.17
N ALA A 11 -10.89 1.67 -10.00
CA ALA A 11 -10.07 2.49 -9.12
C ALA A 11 -8.60 2.43 -9.55
N ARG A 12 -8.36 2.48 -10.85
CA ARG A 12 -7.01 2.43 -11.39
C ARG A 12 -6.45 3.84 -11.60
N ALA A 13 -5.61 4.28 -10.68
CA ALA A 13 -5.01 5.61 -10.76
C ALA A 13 -3.62 5.54 -11.39
N ILE A 14 -3.34 6.47 -12.29
CA ILE A 14 -2.05 6.52 -12.96
C ILE A 14 -1.40 7.90 -12.81
N LYS A 15 -1.01 8.22 -11.59
CA LYS A 15 -0.37 9.50 -11.32
C LYS A 15 1.15 9.35 -11.21
N PHE A 16 1.84 9.68 -12.29
CA PHE A 16 3.30 9.59 -12.33
C PHE A 16 3.94 10.86 -11.81
N LEU A 17 4.72 10.73 -10.73
CA LEU A 17 5.40 11.87 -10.13
C LEU A 17 6.85 11.95 -10.59
N TYR A 18 7.06 12.58 -11.75
CA TYR A 18 8.40 12.73 -12.31
C TYR A 18 8.73 14.19 -12.53
N GLN A 19 9.67 14.71 -11.73
CA GLN A 19 10.08 16.11 -11.84
C GLN A 19 11.55 16.20 -12.26
N SER A 20 11.79 16.11 -13.56
CA SER A 20 13.15 16.18 -14.09
C SER A 20 13.36 17.49 -14.85
N ASN A 21 13.86 18.50 -14.16
CA ASN A 21 14.10 19.81 -14.76
C ASN A 21 15.39 20.41 -14.22
N PRO A 22 16.54 19.84 -14.63
CA PRO A 22 17.86 20.31 -14.20
C PRO A 22 18.21 21.66 -14.81
N PRO A 23 19.28 22.28 -14.28
CA PRO A 23 19.75 23.59 -14.76
C PRO A 23 20.36 23.51 -16.15
N PRO A 24 20.59 24.68 -16.77
CA PRO A 24 21.16 24.77 -18.11
C PRO A 24 22.64 24.37 -18.13
N ASN A 25 22.90 23.07 -18.25
CA ASN A 25 24.26 22.56 -18.28
C ASN A 25 24.27 21.05 -18.54
N PRO A 26 23.97 20.67 -19.78
CA PRO A 26 23.93 19.26 -20.19
C PRO A 26 25.33 18.64 -20.24
N GLU A 27 26.31 19.41 -20.69
CA GLU A 27 27.68 18.94 -20.78
C GLU A 27 28.62 19.85 -19.99
N GLY A 28 28.19 20.24 -18.81
CA GLY A 28 29.00 21.10 -17.97
C GLY A 28 29.08 22.52 -18.51
N THR A 29 29.41 23.47 -17.63
CA THR A 29 29.52 24.87 -18.03
C THR A 29 30.79 25.49 -17.47
N ARG A 30 31.94 25.08 -18.02
CA ARG A 30 33.22 25.61 -17.58
C ARG A 30 33.88 26.45 -18.68
N GLN A 31 34.90 27.19 -18.30
CA GLN A 31 35.61 28.04 -19.25
C GLN A 31 37.06 27.60 -19.41
N ALA A 32 37.33 26.86 -20.49
CA ALA A 32 38.68 26.37 -20.76
C ALA A 32 39.27 27.04 -22.00
N ARG A 33 39.04 28.35 -22.13
CA ARG A 33 39.54 29.09 -23.27
C ARG A 33 40.42 30.25 -22.82
N ARG A 34 41.19 30.80 -23.75
CA ARG A 34 42.08 31.92 -23.45
C ARG A 34 41.31 33.06 -22.78
N ASN A 35 41.85 33.56 -21.68
CA ASN A 35 41.21 34.65 -20.94
C ASN A 35 42.13 35.87 -20.87
N ARG A 36 41.57 37.05 -21.03
CA ARG A 36 42.34 38.29 -20.98
C ARG A 36 41.48 39.44 -20.47
N ARG A 37 42.04 40.24 -19.57
CA ARG A 37 41.33 41.37 -19.00
C ARG A 37 41.29 42.54 -20.00
N ARG A 38 40.08 43.01 -20.29
CA ARG A 38 39.90 44.11 -21.22
C ARG A 38 40.43 45.42 -20.64
N ARG A 39 40.41 46.48 -21.43
CA ARG A 39 40.89 47.78 -21.00
C ARG A 39 39.75 48.79 -20.93
N TRP A 40 39.10 48.87 -19.78
CA TRP A 40 37.99 49.80 -19.59
C TRP A 40 38.47 51.12 -18.99
N ARG A 41 39.39 51.03 -18.03
CA ARG A 41 39.93 52.21 -17.38
C ARG A 41 41.13 52.75 -18.15
N GLU A 42 41.46 54.02 -17.92
CA GLU A 42 42.59 54.65 -18.58
C GLU A 42 42.36 54.73 -20.09
N ARG A 43 41.12 55.03 -20.48
CA ARG A 43 40.77 55.13 -21.89
C ARG A 43 41.29 56.43 -22.50
N GLN A 44 41.76 56.36 -23.74
CA GLN A 44 42.28 57.53 -24.42
C GLN A 44 41.15 58.42 -24.93
N ARG A 45 41.10 59.65 -24.43
CA ARG A 45 40.07 60.59 -24.83
C ARG A 45 40.58 62.03 -24.76
N GLN A 46 40.16 62.86 -25.70
CA GLN A 46 40.58 64.25 -25.75
C GLN A 46 39.37 65.19 -25.75
N ILE A 47 39.63 66.47 -25.55
CA ILE A 47 38.57 67.47 -25.53
C ILE A 47 38.71 68.46 -26.67
N HIS A 48 37.87 68.31 -27.69
CA HIS A 48 37.91 69.20 -28.85
C HIS A 48 36.53 69.34 -29.48
N SER A 49 36.11 70.57 -29.72
CA SER A 49 34.81 70.83 -30.31
C SER A 49 34.75 72.24 -30.91
N ALA A 50 34.45 72.33 -32.20
CA ALA A 50 34.36 73.60 -32.89
C ALA A 50 33.38 74.54 -32.18
N SER A 51 32.24 73.99 -31.77
CA SER A 51 31.23 74.78 -31.08
C SER A 51 31.21 74.47 -29.59
N GLU A 52 31.87 75.32 -28.81
CA GLU A 52 31.94 75.14 -27.37
C GLU A 52 31.27 76.30 -26.64
N ARG A 53 30.43 75.98 -25.67
CA ARG A 53 29.72 76.99 -24.91
C ARG A 53 29.44 76.51 -23.49
N ILE A 54 29.17 77.45 -22.59
CA ILE A 54 28.88 77.11 -21.19
C ILE A 54 27.45 77.50 -20.82
N ALA A 55 26.95 76.92 -19.74
CA ALA A 55 25.59 77.20 -19.27
C ALA A 55 25.48 78.63 -18.76
N SER A 56 24.32 79.23 -18.95
CA SER A 56 24.09 80.61 -18.52
C SER A 56 23.24 80.63 -17.24
N THR A 57 22.01 80.14 -17.33
CA THR A 57 21.11 80.10 -16.19
C THR A 57 20.87 81.51 -15.65
N TYR A 58 20.75 82.47 -16.55
CA TYR A 58 20.51 83.86 -16.16
C TYR A 58 19.07 84.26 -16.41
N LEU A 59 18.29 84.37 -15.33
CA LEU A 59 16.88 84.74 -15.44
C LEU A 59 16.65 86.13 -14.83
N GLY A 1 -24.50 4.19 -22.90
CA GLY A 1 -23.59 3.86 -21.83
C GLY A 1 -22.18 4.32 -22.09
N GLY A 2 -21.32 4.25 -21.07
CA GLY A 2 -19.94 4.67 -21.24
C GLY A 2 -18.99 3.83 -20.42
N SER A 3 -17.81 4.38 -20.12
CA SER A 3 -16.80 3.67 -19.34
C SER A 3 -16.53 4.39 -18.03
N ASP A 4 -17.60 4.79 -17.36
CA ASP A 4 -17.48 5.49 -16.08
C ASP A 4 -17.67 4.53 -14.91
N GLU A 5 -18.70 3.68 -15.01
CA GLU A 5 -18.99 2.70 -13.96
C GLU A 5 -17.80 1.78 -13.73
N ASP A 6 -17.14 1.39 -14.82
CA ASP A 6 -15.99 0.50 -14.74
C ASP A 6 -14.79 1.23 -14.14
N ALA A 7 -14.56 2.46 -14.59
CA ALA A 7 -13.45 3.26 -14.10
C ALA A 7 -13.48 3.38 -12.59
N LEU A 8 -14.67 3.66 -12.04
CA LEU A 8 -14.83 3.80 -10.60
C LEU A 8 -14.61 2.47 -9.90
N LYS A 9 -15.21 1.41 -10.44
CA LYS A 9 -15.08 0.08 -9.86
C LYS A 9 -13.61 -0.33 -9.78
N ALA A 10 -12.86 -0.04 -10.83
CA ALA A 10 -11.44 -0.39 -10.87
C ALA A 10 -10.69 0.25 -9.70
N ALA A 11 -11.00 1.51 -9.42
CA ALA A 11 -10.36 2.23 -8.32
C ALA A 11 -8.84 2.20 -8.46
N ARG A 12 -8.36 2.55 -9.65
CA ARG A 12 -6.92 2.56 -9.91
C ARG A 12 -6.36 3.98 -9.81
N ALA A 13 -5.06 4.07 -9.53
CA ALA A 13 -4.40 5.37 -9.41
C ALA A 13 -2.93 5.27 -9.80
N ILE A 14 -2.31 6.42 -10.05
CA ILE A 14 -0.91 6.47 -10.43
C ILE A 14 -0.10 7.29 -9.45
N LYS A 15 0.07 6.76 -8.24
CA LYS A 15 0.83 7.45 -7.20
C LYS A 15 2.21 6.82 -7.02
N PHE A 16 2.99 6.82 -8.10
CA PHE A 16 4.33 6.25 -8.06
C PHE A 16 5.40 7.34 -8.18
N LEU A 17 5.13 8.49 -7.56
CA LEU A 17 6.07 9.61 -7.61
C LEU A 17 5.98 10.43 -6.33
N TYR A 18 7.14 10.83 -5.81
CA TYR A 18 7.18 11.62 -4.59
C TYR A 18 8.54 12.34 -4.47
N GLN A 19 8.47 13.64 -4.19
CA GLN A 19 9.68 14.45 -4.06
C GLN A 19 9.96 14.77 -2.59
N SER A 20 10.84 13.98 -1.97
CA SER A 20 11.19 14.18 -0.57
C SER A 20 12.69 14.09 -0.37
N ASN A 21 13.24 15.00 0.42
CA ASN A 21 14.67 15.03 0.70
C ASN A 21 14.92 15.35 2.17
N PRO A 22 16.14 15.01 2.64
CA PRO A 22 16.54 15.24 4.03
C PRO A 22 16.73 16.73 4.33
N PRO A 23 16.85 17.07 5.62
CA PRO A 23 17.05 18.45 6.07
C PRO A 23 18.42 18.99 5.69
N PRO A 24 18.59 20.31 5.84
CA PRO A 24 19.86 20.99 5.53
C PRO A 24 20.96 20.64 6.52
N ASN A 25 21.91 19.83 6.08
CA ASN A 25 23.02 19.42 6.93
C ASN A 25 24.35 19.60 6.21
N PRO A 26 24.75 20.87 6.04
CA PRO A 26 26.01 21.21 5.38
C PRO A 26 27.24 20.83 6.20
N GLU A 27 27.12 20.99 7.52
CA GLU A 27 28.21 20.66 8.42
C GLU A 27 27.71 20.52 9.86
N GLY A 28 27.89 19.35 10.44
CA GLY A 28 27.46 19.11 11.80
C GLY A 28 26.29 18.15 11.88
N THR A 29 26.41 17.02 11.20
CA THR A 29 25.36 16.01 11.18
C THR A 29 25.62 14.93 12.22
N ARG A 30 25.47 15.28 13.49
CA ARG A 30 25.69 14.33 14.58
C ARG A 30 24.45 14.22 15.46
N GLN A 31 24.00 15.36 15.99
CA GLN A 31 22.82 15.38 16.85
C GLN A 31 21.85 16.47 16.41
N ALA A 32 20.72 16.05 15.84
CA ALA A 32 19.71 17.00 15.37
C ALA A 32 18.44 16.90 16.22
N ARG A 33 18.62 16.72 17.52
CA ARG A 33 17.49 16.61 18.43
C ARG A 33 17.83 17.20 19.80
N ARG A 34 16.85 17.87 20.41
CA ARG A 34 17.04 18.49 21.71
C ARG A 34 16.02 17.97 22.72
N ASN A 35 15.69 16.68 22.61
CA ASN A 35 14.73 16.06 23.50
C ASN A 35 14.67 14.55 23.27
N ARG A 36 14.03 13.84 24.20
CA ARG A 36 13.90 12.39 24.10
C ARG A 36 12.47 11.95 24.34
N ARG A 37 12.06 10.87 23.68
CA ARG A 37 10.71 10.36 23.83
C ARG A 37 10.72 8.85 24.10
N ARG A 38 9.69 8.37 24.79
CA ARG A 38 9.59 6.96 25.13
C ARG A 38 8.21 6.42 24.78
N ARG A 39 8.18 5.33 24.01
CA ARG A 39 6.92 4.73 23.61
C ARG A 39 7.00 3.20 23.68
N TRP A 40 6.09 2.60 24.42
CA TRP A 40 6.06 1.14 24.57
C TRP A 40 5.36 0.49 23.39
N ARG A 41 6.07 0.36 22.28
CA ARG A 41 5.50 -0.26 21.08
C ARG A 41 5.24 -1.75 21.30
N GLU A 42 6.14 -2.39 22.06
CA GLU A 42 6.00 -3.81 22.34
C GLU A 42 4.69 -4.11 23.05
N ARG A 43 4.49 -5.37 23.43
CA ARG A 43 3.27 -5.78 24.11
C ARG A 43 2.05 -5.57 23.22
N GLN A 44 1.54 -6.67 22.66
CA GLN A 44 0.38 -6.61 21.78
C GLN A 44 -0.87 -6.21 22.57
N ARG A 45 -1.52 -5.14 22.11
CA ARG A 45 -2.73 -4.65 22.77
C ARG A 45 -3.96 -4.93 21.92
N GLN A 46 -4.68 -6.00 22.24
CA GLN A 46 -5.88 -6.36 21.51
C GLN A 46 -6.92 -6.99 22.43
N ILE A 47 -8.09 -7.30 21.87
CA ILE A 47 -9.16 -7.89 22.66
C ILE A 47 -9.69 -9.16 21.98
N HIS A 48 -8.86 -10.19 21.92
CA HIS A 48 -9.24 -11.46 21.30
C HIS A 48 -9.79 -11.22 19.90
N SER A 49 -9.17 -10.31 19.16
CA SER A 49 -9.60 -9.99 17.80
C SER A 49 -8.97 -10.95 16.80
N ALA A 50 -9.13 -12.24 17.04
CA ALA A 50 -8.58 -13.25 16.15
C ALA A 50 -9.61 -13.69 15.11
N SER A 51 -10.83 -13.92 15.55
CA SER A 51 -11.90 -14.35 14.66
C SER A 51 -12.93 -13.23 14.46
N GLU A 52 -12.80 -12.51 13.35
CA GLU A 52 -13.71 -11.41 13.03
C GLU A 52 -14.96 -11.93 12.32
N ARG A 53 -15.97 -11.08 12.24
CA ARG A 53 -17.23 -11.44 11.59
C ARG A 53 -18.15 -10.24 11.48
N ILE A 54 -18.92 -10.19 10.39
CA ILE A 54 -19.84 -9.08 10.17
C ILE A 54 -21.10 -9.57 9.45
N ALA A 55 -22.19 -8.82 9.62
CA ALA A 55 -23.45 -9.17 8.98
C ALA A 55 -23.95 -8.03 8.08
N SER A 56 -23.52 -8.05 6.82
CA SER A 56 -23.92 -7.02 5.87
C SER A 56 -25.30 -7.30 5.31
N THR A 57 -26.32 -6.94 6.08
CA THR A 57 -27.71 -7.14 5.67
C THR A 57 -28.21 -5.98 4.82
N TYR A 58 -28.89 -6.31 3.72
CA TYR A 58 -29.42 -5.30 2.83
C TYR A 58 -30.90 -5.53 2.56
N LEU A 59 -31.64 -4.44 2.34
CA LEU A 59 -33.07 -4.52 2.08
C LEU A 59 -33.35 -4.49 0.57
N GLY A 1 -19.88 5.66 -25.56
CA GLY A 1 -20.94 5.32 -24.62
C GLY A 1 -20.72 5.93 -23.25
N GLY A 2 -19.48 5.87 -22.77
CA GLY A 2 -19.16 6.42 -21.46
C GLY A 2 -18.82 5.34 -20.45
N SER A 3 -17.52 5.14 -20.22
CA SER A 3 -17.07 4.14 -19.27
C SER A 3 -16.71 4.77 -17.92
N ASP A 4 -17.74 5.00 -17.11
CA ASP A 4 -17.54 5.61 -15.80
C ASP A 4 -17.61 4.56 -14.70
N GLU A 5 -18.62 3.69 -14.79
CA GLU A 5 -18.81 2.64 -13.80
C GLU A 5 -17.60 1.71 -13.76
N ASP A 6 -17.13 1.30 -14.94
CA ASP A 6 -15.98 0.41 -15.05
C ASP A 6 -14.74 1.05 -14.43
N ALA A 7 -14.52 2.32 -14.75
CA ALA A 7 -13.37 3.05 -14.23
C ALA A 7 -13.47 3.24 -12.72
N LEU A 8 -14.66 3.61 -12.25
CA LEU A 8 -14.89 3.82 -10.83
C LEU A 8 -14.65 2.53 -10.04
N LYS A 9 -15.32 1.46 -10.45
CA LYS A 9 -15.18 0.17 -9.79
C LYS A 9 -13.71 -0.23 -9.68
N ALA A 10 -12.94 0.08 -10.72
CA ALA A 10 -11.51 -0.24 -10.73
C ALA A 10 -10.78 0.46 -9.59
N ALA A 11 -11.09 1.74 -9.38
CA ALA A 11 -10.46 2.50 -8.32
C ALA A 11 -8.95 2.44 -8.41
N ARG A 12 -8.43 2.59 -9.63
CA ARG A 12 -6.99 2.54 -9.86
C ARG A 12 -6.38 1.26 -9.29
N ALA A 13 -6.60 0.15 -9.98
CA ALA A 13 -6.08 -1.14 -9.55
C ALA A 13 -4.71 -1.41 -10.14
N ILE A 14 -4.12 -2.54 -9.79
CA ILE A 14 -2.81 -2.91 -10.29
C ILE A 14 -2.85 -4.25 -11.02
N LYS A 15 -3.68 -5.17 -10.53
CA LYS A 15 -3.82 -6.48 -11.14
C LYS A 15 -2.46 -7.16 -11.28
N PHE A 16 -1.61 -6.98 -10.27
CA PHE A 16 -0.28 -7.58 -10.29
C PHE A 16 -0.11 -8.52 -9.10
N LEU A 17 0.37 -9.73 -9.37
CA LEU A 17 0.60 -10.72 -8.32
C LEU A 17 2.07 -11.07 -8.21
N TYR A 18 2.55 -11.19 -6.97
CA TYR A 18 3.95 -11.53 -6.72
C TYR A 18 4.07 -12.86 -6.01
N GLN A 19 4.90 -13.76 -6.56
CA GLN A 19 5.10 -15.07 -5.96
C GLN A 19 6.41 -15.11 -5.16
N SER A 20 6.36 -14.58 -3.95
CA SER A 20 7.53 -14.55 -3.08
C SER A 20 7.23 -15.21 -1.73
N ASN A 21 6.59 -16.37 -1.78
CA ASN A 21 6.24 -17.10 -0.57
C ASN A 21 7.03 -18.41 -0.48
N PRO A 22 7.11 -18.96 0.75
CA PRO A 22 7.83 -20.21 0.99
C PRO A 22 7.11 -21.42 0.40
N PRO A 23 7.81 -22.57 0.35
CA PRO A 23 7.26 -23.80 -0.19
C PRO A 23 6.16 -24.39 0.70
N PRO A 24 5.43 -25.38 0.16
CA PRO A 24 4.34 -26.04 0.89
C PRO A 24 4.86 -26.91 2.04
N ASN A 25 4.07 -27.03 3.09
CA ASN A 25 4.44 -27.83 4.25
C ASN A 25 3.22 -28.16 5.10
N PRO A 26 2.35 -29.04 4.59
CA PRO A 26 1.13 -29.47 5.29
C PRO A 26 1.43 -30.32 6.51
N GLU A 27 2.44 -31.19 6.40
CA GLU A 27 2.83 -32.06 7.50
C GLU A 27 4.09 -32.85 7.15
N GLY A 28 5.15 -32.63 7.94
CA GLY A 28 6.41 -33.33 7.69
C GLY A 28 6.68 -34.41 8.72
N THR A 29 6.14 -35.59 8.48
CA THR A 29 6.32 -36.72 9.39
C THR A 29 5.88 -38.03 8.76
N ARG A 30 6.85 -38.87 8.39
CA ARG A 30 6.55 -40.15 7.77
C ARG A 30 7.24 -41.28 8.52
N GLN A 31 6.60 -42.45 8.55
CA GLN A 31 7.14 -43.61 9.23
C GLN A 31 6.34 -44.87 8.92
N ALA A 32 7.02 -45.89 8.42
CA ALA A 32 6.36 -47.14 8.08
C ALA A 32 5.89 -47.88 9.33
N ARG A 33 4.62 -48.30 9.31
CA ARG A 33 4.05 -49.01 10.45
C ARG A 33 4.63 -50.40 10.58
N ARG A 34 5.56 -50.56 11.52
CA ARG A 34 6.22 -51.86 11.74
C ARG A 34 5.73 -52.49 13.04
N ASN A 35 5.44 -53.79 12.99
CA ASN A 35 4.96 -54.51 14.16
C ASN A 35 6.13 -54.91 15.06
N ARG A 36 5.84 -55.07 16.35
CA ARG A 36 6.87 -55.44 17.32
C ARG A 36 6.29 -56.38 18.38
N ARG A 37 7.08 -57.36 18.79
CA ARG A 37 6.65 -58.31 19.80
C ARG A 37 6.63 -57.67 21.19
N ARG A 38 5.47 -57.15 21.57
CA ARG A 38 5.31 -56.51 22.87
C ARG A 38 5.52 -57.50 24.00
N ARG A 39 5.68 -56.98 25.22
CA ARG A 39 5.89 -57.84 26.39
C ARG A 39 4.95 -57.43 27.53
N TRP A 40 4.10 -58.37 27.93
CA TRP A 40 3.15 -58.11 29.02
C TRP A 40 3.62 -58.75 30.32
N ARG A 41 4.23 -57.95 31.18
CA ARG A 41 4.73 -58.43 32.46
C ARG A 41 3.66 -58.30 33.55
N GLU A 42 3.91 -58.93 34.69
CA GLU A 42 2.97 -58.88 35.81
C GLU A 42 3.11 -57.57 36.58
N ARG A 43 2.12 -56.70 36.43
CA ARG A 43 2.13 -55.41 37.10
C ARG A 43 1.55 -55.53 38.51
N GLN A 44 2.01 -54.66 39.41
CA GLN A 44 1.54 -54.69 40.79
C GLN A 44 0.56 -53.54 41.04
N ARG A 45 -0.72 -53.85 41.04
CA ARG A 45 -1.76 -52.85 41.27
C ARG A 45 -2.85 -53.39 42.20
N GLN A 46 -2.97 -52.78 43.37
CA GLN A 46 -3.98 -53.20 44.34
C GLN A 46 -4.46 -52.02 45.18
N ILE A 47 -5.39 -52.29 46.09
CA ILE A 47 -5.92 -51.25 46.95
C ILE A 47 -6.32 -51.82 48.31
N HIS A 48 -6.07 -51.05 49.37
CA HIS A 48 -6.41 -51.48 50.72
C HIS A 48 -6.97 -50.31 51.53
N SER A 49 -8.26 -50.38 51.82
CA SER A 49 -8.93 -49.33 52.58
C SER A 49 -9.42 -49.86 53.92
N ALA A 50 -9.16 -49.10 54.98
CA ALA A 50 -9.57 -49.50 56.33
C ALA A 50 -11.01 -49.08 56.60
N SER A 51 -11.32 -47.83 56.29
CA SER A 51 -12.67 -47.31 56.51
C SER A 51 -13.09 -47.47 57.96
N GLU A 52 -12.21 -47.09 58.88
CA GLU A 52 -12.49 -47.20 60.31
C GLU A 52 -12.86 -45.85 60.90
N ARG A 53 -14.12 -45.47 60.78
CA ARG A 53 -14.59 -44.19 61.30
C ARG A 53 -15.83 -44.39 62.16
N ILE A 54 -16.08 -43.44 63.07
CA ILE A 54 -17.24 -43.51 63.95
C ILE A 54 -18.26 -42.44 63.60
N ALA A 55 -19.49 -42.86 63.35
CA ALA A 55 -20.57 -41.94 63.00
C ALA A 55 -21.53 -41.75 64.17
N SER A 56 -20.99 -41.42 65.34
CA SER A 56 -21.79 -41.23 66.53
C SER A 56 -22.61 -42.48 66.84
N THR A 57 -21.94 -43.62 66.86
CA THR A 57 -22.61 -44.89 67.15
C THR A 57 -22.97 -45.00 68.64
N TYR A 58 -23.96 -45.82 68.93
CA TYR A 58 -24.40 -46.01 70.31
C TYR A 58 -24.86 -44.70 70.92
N LEU A 59 -25.68 -43.96 70.18
CA LEU A 59 -26.19 -42.67 70.65
C LEU A 59 -27.04 -42.85 71.90
N GLY A 1 -16.37 3.62 -25.84
CA GLY A 1 -15.44 3.07 -24.88
C GLY A 1 -15.37 3.88 -23.60
N GLY A 2 -16.51 4.38 -23.16
CA GLY A 2 -16.57 5.17 -21.95
C GLY A 2 -16.30 4.35 -20.71
N SER A 3 -17.22 3.45 -20.39
CA SER A 3 -17.08 2.60 -19.21
C SER A 3 -16.80 3.43 -17.97
N ASP A 4 -17.42 4.60 -17.90
CA ASP A 4 -17.24 5.49 -16.75
C ASP A 4 -17.51 4.75 -15.44
N GLU A 5 -18.68 4.11 -15.36
CA GLU A 5 -19.06 3.38 -14.16
C GLU A 5 -18.00 2.32 -13.82
N ASP A 6 -17.54 1.60 -14.83
CA ASP A 6 -16.54 0.56 -14.65
C ASP A 6 -15.29 1.12 -13.98
N ALA A 7 -14.94 2.35 -14.33
CA ALA A 7 -13.77 3.00 -13.76
C ALA A 7 -13.83 3.03 -12.24
N LEU A 8 -15.01 3.30 -11.71
CA LEU A 8 -15.21 3.34 -10.26
C LEU A 8 -14.70 2.07 -9.60
N LYS A 9 -14.96 0.94 -10.23
CA LYS A 9 -14.52 -0.35 -9.71
C LYS A 9 -13.00 -0.47 -9.74
N ALA A 10 -12.39 0.08 -10.79
CA ALA A 10 -10.94 0.04 -10.94
C ALA A 10 -10.25 0.60 -9.70
N ALA A 11 -10.85 1.63 -9.11
CA ALA A 11 -10.30 2.26 -7.91
C ALA A 11 -10.30 1.30 -6.73
N ARG A 12 -9.27 1.38 -5.90
CA ARG A 12 -9.16 0.52 -4.73
C ARG A 12 -9.93 1.10 -3.55
N ALA A 13 -11.24 1.29 -3.73
CA ALA A 13 -12.08 1.83 -2.67
C ALA A 13 -12.06 0.95 -1.43
N ILE A 14 -11.36 1.41 -0.40
CA ILE A 14 -11.26 0.66 0.85
C ILE A 14 -11.77 1.48 2.03
N LYS A 15 -11.51 2.78 1.99
CA LYS A 15 -11.94 3.69 3.04
C LYS A 15 -12.80 4.82 2.49
N PHE A 16 -13.62 4.50 1.50
CA PHE A 16 -14.49 5.49 0.88
C PHE A 16 -15.77 4.85 0.35
N LEU A 17 -16.91 5.44 0.69
CA LEU A 17 -18.20 4.92 0.26
C LEU A 17 -18.91 5.92 -0.64
N TYR A 18 -18.21 6.40 -1.65
CA TYR A 18 -18.77 7.36 -2.60
C TYR A 18 -19.23 8.62 -1.86
N GLN A 19 -18.36 9.17 -1.03
CA GLN A 19 -18.67 10.37 -0.27
C GLN A 19 -17.62 11.45 -0.49
N SER A 20 -18.00 12.52 -1.19
CA SER A 20 -17.09 13.62 -1.47
C SER A 20 -17.74 14.97 -1.19
N ASN A 21 -17.52 15.48 0.02
CA ASN A 21 -18.09 16.75 0.42
C ASN A 21 -17.33 17.35 1.60
N PRO A 22 -17.48 18.67 1.80
CA PRO A 22 -16.80 19.39 2.89
C PRO A 22 -17.37 19.02 4.25
N PRO A 23 -16.65 19.44 5.31
CA PRO A 23 -17.07 19.16 6.70
C PRO A 23 -18.31 19.95 7.10
N PRO A 24 -18.90 19.58 8.24
CA PRO A 24 -20.10 20.25 8.76
C PRO A 24 -19.81 21.66 9.25
N ASN A 25 -20.19 22.65 8.46
CA ASN A 25 -19.97 24.06 8.82
C ASN A 25 -21.15 24.91 8.38
N PRO A 26 -22.30 24.73 9.06
CA PRO A 26 -23.53 25.48 8.77
C PRO A 26 -23.41 26.95 9.16
N GLU A 27 -22.70 27.21 10.26
CA GLU A 27 -22.51 28.57 10.74
C GLU A 27 -21.48 28.61 11.86
N GLY A 28 -20.34 29.26 11.59
CA GLY A 28 -19.30 29.36 12.58
C GLY A 28 -18.42 30.59 12.38
N THR A 29 -18.47 31.51 13.34
CA THR A 29 -17.67 32.73 13.26
C THR A 29 -16.83 32.93 14.50
N ARG A 30 -15.81 32.10 14.66
CA ARG A 30 -14.92 32.18 15.81
C ARG A 30 -13.59 32.81 15.43
N GLN A 31 -13.02 32.38 14.31
CA GLN A 31 -11.75 32.90 13.84
C GLN A 31 -11.89 33.51 12.44
N ALA A 32 -11.99 34.83 12.38
CA ALA A 32 -12.12 35.53 11.12
C ALA A 32 -11.08 36.64 10.99
N ARG A 33 -10.96 37.19 9.78
CA ARG A 33 -10.00 38.26 9.53
C ARG A 33 -10.71 39.52 9.03
N ARG A 34 -10.86 40.49 9.92
CA ARG A 34 -11.52 41.74 9.58
C ARG A 34 -11.02 42.88 10.46
N ASN A 35 -10.51 43.93 9.83
CA ASN A 35 -9.99 45.08 10.56
C ASN A 35 -10.55 46.38 10.00
N ARG A 36 -10.28 47.49 10.68
CA ARG A 36 -10.76 48.79 10.24
C ARG A 36 -9.68 49.85 10.42
N ARG A 37 -9.55 50.73 9.42
CA ARG A 37 -8.55 51.79 9.47
C ARG A 37 -9.12 53.05 10.11
N ARG A 38 -9.08 53.10 11.44
CA ARG A 38 -9.60 54.23 12.19
C ARG A 38 -8.50 55.27 12.41
N ARG A 39 -7.47 54.89 13.14
CA ARG A 39 -6.34 55.78 13.43
C ARG A 39 -6.84 57.06 14.11
N TRP A 40 -7.80 56.90 15.01
CA TRP A 40 -8.36 58.04 15.73
C TRP A 40 -9.02 59.02 14.77
N ARG A 41 -9.90 58.51 13.91
CA ARG A 41 -10.60 59.35 12.94
C ARG A 41 -11.62 60.25 13.63
N GLU A 42 -11.48 61.55 13.44
CA GLU A 42 -12.39 62.51 14.05
C GLU A 42 -12.47 63.79 13.21
N ARG A 43 -13.53 64.57 13.43
CA ARG A 43 -13.72 65.82 12.69
C ARG A 43 -13.87 67.00 13.65
N GLN A 44 -13.36 68.15 13.24
CA GLN A 44 -13.45 69.35 14.06
C GLN A 44 -14.04 70.52 13.27
N ARG A 45 -15.36 70.51 13.11
CA ARG A 45 -16.04 71.56 12.36
C ARG A 45 -17.15 72.19 13.21
N GLN A 46 -16.76 73.04 14.15
CA GLN A 46 -17.71 73.71 15.02
C GLN A 46 -17.32 75.16 15.26
N ILE A 47 -18.19 75.91 15.92
CA ILE A 47 -17.94 77.32 16.22
C ILE A 47 -18.26 77.64 17.68
N HIS A 48 -17.23 78.02 18.43
CA HIS A 48 -17.42 78.36 19.84
C HIS A 48 -16.35 79.35 20.30
N SER A 49 -16.76 80.59 20.53
CA SER A 49 -15.83 81.64 20.96
C SER A 49 -16.26 82.20 22.31
N ALA A 50 -15.27 82.46 23.17
CA ALA A 50 -15.55 83.01 24.50
C ALA A 50 -15.16 84.49 24.57
N SER A 51 -15.96 85.34 23.93
CA SER A 51 -15.70 86.77 23.92
C SER A 51 -16.93 87.54 23.43
N GLU A 52 -17.21 88.66 24.08
CA GLU A 52 -18.34 89.49 23.71
C GLU A 52 -18.02 90.37 22.51
N ARG A 53 -17.07 91.30 22.70
CA ARG A 53 -16.66 92.21 21.64
C ARG A 53 -15.16 92.46 21.69
N ILE A 54 -14.67 93.22 20.71
CA ILE A 54 -13.24 93.54 20.65
C ILE A 54 -12.39 92.27 20.63
N ALA A 55 -12.58 91.45 19.60
CA ALA A 55 -11.84 90.22 19.46
C ALA A 55 -10.62 90.40 18.55
N SER A 56 -9.61 91.07 19.05
CA SER A 56 -8.39 91.33 18.28
C SER A 56 -7.17 91.40 19.19
N THR A 57 -6.21 90.50 18.96
CA THR A 57 -4.99 90.48 19.76
C THR A 57 -4.19 91.76 19.60
N TYR A 58 -3.59 92.22 20.69
CA TYR A 58 -2.79 93.44 20.66
C TYR A 58 -1.32 93.14 20.94
N LEU A 59 -0.85 92.02 20.40
CA LEU A 59 0.54 91.61 20.60
C LEU A 59 1.07 90.88 19.37
N GLY A 1 -24.00 3.44 -22.55
CA GLY A 1 -22.87 2.55 -22.35
C GLY A 1 -22.58 2.30 -20.89
N GLY A 2 -21.31 2.03 -20.58
CA GLY A 2 -20.92 1.78 -19.20
C GLY A 2 -19.43 1.83 -19.01
N SER A 3 -18.84 3.02 -19.18
CA SER A 3 -17.41 3.20 -19.02
C SER A 3 -17.09 3.86 -17.67
N ASP A 4 -17.79 4.94 -17.38
CA ASP A 4 -17.59 5.68 -16.14
C ASP A 4 -17.69 4.74 -14.94
N GLU A 5 -18.71 3.89 -14.94
CA GLU A 5 -18.92 2.94 -13.86
C GLU A 5 -17.76 1.97 -13.74
N ASP A 6 -17.31 1.44 -14.89
CA ASP A 6 -16.20 0.51 -14.92
C ASP A 6 -14.97 1.10 -14.25
N ALA A 7 -14.57 2.28 -14.69
CA ALA A 7 -13.41 2.96 -14.12
C ALA A 7 -13.56 3.17 -12.62
N LEU A 8 -14.79 3.44 -12.19
CA LEU A 8 -15.07 3.66 -10.78
C LEU A 8 -14.80 2.40 -9.97
N LYS A 9 -15.13 1.25 -10.54
CA LYS A 9 -14.91 -0.03 -9.88
C LYS A 9 -13.43 -0.28 -9.63
N ALA A 10 -12.62 -0.05 -10.64
CA ALA A 10 -11.17 -0.23 -10.54
C ALA A 10 -10.58 0.70 -9.49
N ALA A 11 -11.00 1.96 -9.52
CA ALA A 11 -10.50 2.95 -8.57
C ALA A 11 -10.69 2.48 -7.14
N ARG A 12 -10.05 3.18 -6.20
CA ARG A 12 -10.15 2.83 -4.79
C ARG A 12 -11.59 2.93 -4.30
N ALA A 13 -11.83 2.46 -3.08
CA ALA A 13 -13.16 2.48 -2.51
C ALA A 13 -13.56 3.89 -2.09
N ILE A 14 -14.45 4.50 -2.86
CA ILE A 14 -14.92 5.85 -2.58
C ILE A 14 -16.43 5.89 -2.38
N LYS A 15 -16.88 5.29 -1.28
CA LYS A 15 -18.30 5.26 -0.96
C LYS A 15 -18.62 6.16 0.24
N PHE A 16 -19.90 6.35 0.50
CA PHE A 16 -20.34 7.19 1.61
C PHE A 16 -19.76 8.60 1.49
N LEU A 17 -19.88 9.18 0.29
CA LEU A 17 -19.38 10.52 0.04
C LEU A 17 -20.50 11.55 0.19
N TYR A 18 -20.15 12.71 0.74
CA TYR A 18 -21.12 13.78 0.95
C TYR A 18 -20.41 15.12 1.13
N GLN A 19 -21.14 16.20 0.87
CA GLN A 19 -20.59 17.55 1.02
C GLN A 19 -20.70 18.03 2.46
N SER A 20 -19.67 18.72 2.93
CA SER A 20 -19.66 19.23 4.30
C SER A 20 -19.81 20.75 4.30
N ASN A 21 -21.01 21.22 4.64
CA ASN A 21 -21.28 22.66 4.68
C ASN A 21 -21.13 23.28 3.30
N PRO A 22 -21.73 24.47 3.11
CA PRO A 22 -21.68 25.20 1.85
C PRO A 22 -20.28 25.75 1.57
N PRO A 23 -20.07 26.21 0.31
CA PRO A 23 -18.78 26.77 -0.12
C PRO A 23 -18.50 28.11 0.53
N PRO A 24 -17.24 28.57 0.39
CA PRO A 24 -16.81 29.85 0.96
C PRO A 24 -17.43 31.05 0.25
N ASN A 25 -18.03 31.95 1.01
CA ASN A 25 -18.67 33.13 0.45
C ASN A 25 -18.95 34.16 1.54
N PRO A 26 -17.88 34.77 2.07
CA PRO A 26 -17.98 35.79 3.12
C PRO A 26 -18.59 37.09 2.61
N GLU A 27 -18.26 37.45 1.38
CA GLU A 27 -18.76 38.67 0.77
C GLU A 27 -19.76 38.36 -0.33
N GLY A 28 -20.55 37.30 -0.13
CA GLY A 28 -21.54 36.91 -1.12
C GLY A 28 -20.94 36.07 -2.23
N THR A 29 -20.05 36.66 -3.01
CA THR A 29 -19.41 35.96 -4.12
C THR A 29 -20.44 35.25 -4.99
N ARG A 30 -21.56 35.93 -5.25
CA ARG A 30 -22.62 35.37 -6.06
C ARG A 30 -22.51 35.85 -7.51
N GLN A 31 -23.10 35.10 -8.43
CA GLN A 31 -23.06 35.45 -9.84
C GLN A 31 -24.45 35.37 -10.46
N ALA A 32 -25.09 36.53 -10.63
CA ALA A 32 -26.42 36.59 -11.22
C ALA A 32 -26.37 37.10 -12.65
N ARG A 33 -25.63 36.40 -13.50
CA ARG A 33 -25.49 36.79 -14.90
C ARG A 33 -26.41 35.95 -15.78
N ARG A 34 -26.39 36.23 -17.08
CA ARG A 34 -27.21 35.51 -18.04
C ARG A 34 -26.93 34.01 -17.96
N ASN A 35 -27.98 33.20 -18.18
CA ASN A 35 -27.84 31.75 -18.14
C ASN A 35 -28.57 31.10 -19.31
N ARG A 36 -27.97 30.07 -19.88
CA ARG A 36 -28.57 29.36 -21.00
C ARG A 36 -28.51 27.85 -20.79
N ARG A 37 -29.59 27.16 -21.18
CA ARG A 37 -29.66 25.71 -21.02
C ARG A 37 -29.51 25.01 -22.38
N ARG A 38 -28.31 24.56 -22.68
CA ARG A 38 -28.05 23.88 -23.94
C ARG A 38 -27.98 22.36 -23.75
N ARG A 39 -28.87 21.83 -22.91
CA ARG A 39 -28.91 20.41 -22.63
C ARG A 39 -29.58 19.65 -23.76
N TRP A 40 -28.81 18.78 -24.41
CA TRP A 40 -29.34 17.98 -25.53
C TRP A 40 -29.43 16.52 -25.14
N ARG A 41 -30.66 16.04 -24.95
CA ARG A 41 -30.89 14.65 -24.58
C ARG A 41 -31.46 13.86 -25.76
N GLU A 42 -32.48 14.42 -26.40
CA GLU A 42 -33.12 13.77 -27.54
C GLU A 42 -32.11 13.51 -28.65
N ARG A 43 -32.06 12.28 -29.14
CA ARG A 43 -31.14 11.90 -30.20
C ARG A 43 -31.88 11.24 -31.35
N GLN A 44 -31.25 11.23 -32.52
CA GLN A 44 -31.85 10.63 -33.71
C GLN A 44 -31.92 9.11 -33.58
N ARG A 45 -32.57 8.47 -34.54
CA ARG A 45 -32.72 7.02 -34.53
C ARG A 45 -31.91 6.38 -35.65
N GLN A 46 -30.69 5.96 -35.34
CA GLN A 46 -29.81 5.35 -36.32
C GLN A 46 -29.47 3.91 -35.92
N ILE A 47 -29.31 3.69 -34.62
CA ILE A 47 -28.99 2.36 -34.12
C ILE A 47 -27.70 1.83 -34.72
N HIS A 48 -26.58 2.49 -34.39
CA HIS A 48 -25.28 2.09 -34.90
C HIS A 48 -24.50 1.31 -33.84
N SER A 49 -24.65 -0.01 -33.85
CA SER A 49 -23.97 -0.86 -32.89
C SER A 49 -23.00 -1.81 -33.60
N ALA A 50 -21.75 -1.79 -33.17
CA ALA A 50 -20.72 -2.64 -33.77
C ALA A 50 -20.67 -3.99 -33.07
N SER A 51 -20.83 -3.98 -31.75
CA SER A 51 -20.80 -5.21 -30.96
C SER A 51 -22.12 -5.43 -30.25
N GLU A 52 -22.69 -6.62 -30.44
CA GLU A 52 -23.96 -6.97 -29.81
C GLU A 52 -23.80 -8.14 -28.86
N ARG A 53 -24.25 -7.97 -27.62
CA ARG A 53 -24.15 -9.01 -26.62
C ARG A 53 -24.88 -10.28 -27.08
N ILE A 54 -24.66 -11.37 -26.35
CA ILE A 54 -25.30 -12.64 -26.68
C ILE A 54 -26.82 -12.55 -26.54
N ALA A 55 -27.52 -13.05 -27.54
CA ALA A 55 -28.98 -13.02 -27.52
C ALA A 55 -29.55 -14.34 -26.98
N SER A 56 -30.86 -14.43 -26.89
CA SER A 56 -31.53 -15.62 -26.40
C SER A 56 -32.18 -16.40 -27.54
N THR A 57 -31.47 -17.42 -28.03
CA THR A 57 -31.98 -18.23 -29.13
C THR A 57 -33.35 -18.79 -28.79
N TYR A 58 -34.02 -19.36 -29.80
CA TYR A 58 -35.35 -19.92 -29.61
C TYR A 58 -35.29 -21.20 -28.77
N LEU A 59 -34.36 -22.08 -29.11
CA LEU A 59 -34.19 -23.34 -28.38
C LEU A 59 -33.06 -23.23 -27.36
N GLY A 1 -22.46 6.89 -24.92
CA GLY A 1 -21.22 6.13 -25.02
C GLY A 1 -20.24 6.47 -23.91
N GLY A 2 -19.37 5.51 -23.59
CA GLY A 2 -18.40 5.73 -22.53
C GLY A 2 -18.77 5.03 -21.24
N SER A 3 -17.83 4.26 -20.69
CA SER A 3 -18.07 3.54 -19.46
C SER A 3 -17.39 4.23 -18.28
N ASP A 4 -18.21 4.77 -17.38
CA ASP A 4 -17.70 5.47 -16.20
C ASP A 4 -17.56 4.50 -15.02
N GLU A 5 -18.63 3.77 -14.73
CA GLU A 5 -18.64 2.81 -13.63
C GLU A 5 -17.45 1.86 -13.73
N ASP A 6 -17.10 1.50 -14.96
CA ASP A 6 -15.98 0.59 -15.19
C ASP A 6 -14.70 1.12 -14.54
N ALA A 7 -14.51 2.43 -14.60
CA ALA A 7 -13.33 3.06 -14.01
C ALA A 7 -13.51 3.23 -12.51
N LEU A 8 -14.72 3.55 -12.09
CA LEU A 8 -15.02 3.75 -10.67
C LEU A 8 -14.70 2.49 -9.87
N LYS A 9 -15.30 1.37 -10.27
CA LYS A 9 -15.08 0.10 -9.60
C LYS A 9 -13.61 -0.29 -9.64
N ALA A 10 -12.95 0.02 -10.75
CA ALA A 10 -11.53 -0.31 -10.91
C ALA A 10 -10.72 0.22 -9.74
N ALA A 11 -11.05 1.42 -9.28
CA ALA A 11 -10.35 2.03 -8.15
C ALA A 11 -10.78 1.41 -6.83
N ARG A 12 -9.82 1.18 -5.94
CA ARG A 12 -10.09 0.59 -4.64
C ARG A 12 -10.40 1.68 -3.60
N ALA A 13 -11.26 1.34 -2.64
CA ALA A 13 -11.63 2.27 -1.60
C ALA A 13 -10.62 2.26 -0.45
N ILE A 14 -10.02 3.41 -0.19
CA ILE A 14 -9.03 3.53 0.88
C ILE A 14 -9.34 4.70 1.80
N LYS A 15 -10.42 4.57 2.57
CA LYS A 15 -10.84 5.61 3.50
C LYS A 15 -10.08 5.50 4.83
N PHE A 16 -9.23 6.47 5.09
CA PHE A 16 -8.43 6.48 6.32
C PHE A 16 -9.35 6.57 7.55
N LEU A 17 -8.92 5.93 8.63
CA LEU A 17 -9.71 5.93 9.86
C LEU A 17 -9.93 7.36 10.36
N TYR A 18 -10.98 7.55 11.16
CA TYR A 18 -11.30 8.86 11.69
C TYR A 18 -12.22 8.73 12.90
N GLN A 19 -12.03 9.62 13.89
CA GLN A 19 -12.84 9.60 15.09
C GLN A 19 -12.98 11.01 15.66
N SER A 20 -14.02 11.22 16.47
CA SER A 20 -14.27 12.52 17.08
C SER A 20 -13.70 12.57 18.50
N ASN A 21 -13.83 13.73 19.14
CA ASN A 21 -13.33 13.91 20.50
C ASN A 21 -11.81 13.74 20.55
N PRO A 22 -11.20 14.26 21.62
CA PRO A 22 -9.74 14.18 21.82
C PRO A 22 -9.28 12.76 22.12
N PRO A 23 -7.96 12.54 22.06
CA PRO A 23 -7.35 11.23 22.33
C PRO A 23 -7.46 10.84 23.80
N PRO A 24 -7.17 9.56 24.09
CA PRO A 24 -7.22 9.03 25.45
C PRO A 24 -6.10 9.59 26.33
N ASN A 25 -6.29 9.49 27.65
CA ASN A 25 -5.29 9.98 28.59
C ASN A 25 -4.89 8.89 29.59
N PRO A 26 -4.12 7.90 29.10
CA PRO A 26 -3.65 6.79 29.93
C PRO A 26 -2.62 7.22 30.97
N GLU A 27 -1.76 8.16 30.58
CA GLU A 27 -0.73 8.66 31.48
C GLU A 27 0.11 7.52 32.03
N GLY A 28 0.48 6.58 31.16
CA GLY A 28 1.28 5.45 31.59
C GLY A 28 2.08 4.84 30.44
N THR A 29 1.42 4.01 29.65
CA THR A 29 2.07 3.36 28.51
C THR A 29 1.47 3.84 27.19
N ARG A 30 1.84 5.04 26.78
CA ARG A 30 1.35 5.61 25.53
C ARG A 30 1.82 4.79 24.34
N GLN A 31 0.92 4.58 23.38
CA GLN A 31 1.24 3.80 22.19
C GLN A 31 0.71 4.49 20.94
N ALA A 32 1.63 5.05 20.15
CA ALA A 32 1.26 5.74 18.91
C ALA A 32 2.41 5.72 17.91
N ARG A 33 2.16 5.14 16.74
CA ARG A 33 3.17 5.06 15.70
C ARG A 33 3.33 6.40 14.98
N ARG A 34 4.38 7.13 15.31
CA ARG A 34 4.63 8.43 14.70
C ARG A 34 6.09 8.84 14.88
N ASN A 35 6.56 9.73 14.00
CA ASN A 35 7.93 10.21 14.08
C ASN A 35 8.12 11.14 15.27
N ARG A 36 9.35 11.21 15.77
CA ARG A 36 9.68 12.06 16.91
C ARG A 36 11.05 12.72 16.73
N ARG A 37 11.16 13.97 17.17
CA ARG A 37 12.41 14.70 17.05
C ARG A 37 13.22 14.59 18.34
N ARG A 38 13.99 13.52 18.46
CA ARG A 38 14.82 13.29 19.64
C ARG A 38 15.72 14.49 19.92
N ARG A 39 16.17 14.61 21.16
CA ARG A 39 17.04 15.71 21.55
C ARG A 39 18.50 15.28 21.57
N TRP A 40 19.37 16.15 21.05
CA TRP A 40 20.79 15.85 20.99
C TRP A 40 21.44 16.01 22.37
N ARG A 41 21.25 15.02 23.23
CA ARG A 41 21.81 15.05 24.57
C ARG A 41 22.88 13.98 24.74
N GLU A 42 24.13 14.41 24.81
CA GLU A 42 25.24 13.49 24.98
C GLU A 42 26.01 13.78 26.26
N ARG A 43 25.35 13.59 27.39
CA ARG A 43 25.96 13.83 28.70
C ARG A 43 26.29 12.52 29.40
N GLN A 44 27.33 12.54 30.22
CA GLN A 44 27.74 11.35 30.96
C GLN A 44 27.91 10.15 30.02
N ARG A 45 28.39 10.43 28.81
CA ARG A 45 28.59 9.38 27.82
C ARG A 45 29.90 8.62 28.10
N GLN A 46 29.79 7.54 28.87
CA GLN A 46 30.95 6.73 29.22
C GLN A 46 31.56 6.10 27.96
N ILE A 47 32.67 5.39 28.14
CA ILE A 47 33.35 4.74 27.02
C ILE A 47 32.76 3.37 26.75
N HIS A 48 31.97 3.27 25.69
CA HIS A 48 31.34 2.01 25.31
C HIS A 48 32.06 1.37 24.12
N SER A 49 32.96 0.44 24.41
CA SER A 49 33.72 -0.24 23.36
C SER A 49 33.78 -1.74 23.63
N ALA A 50 33.97 -2.51 22.56
CA ALA A 50 34.05 -3.97 22.67
C ALA A 50 35.49 -4.44 22.71
N SER A 51 36.19 -4.09 23.79
CA SER A 51 37.59 -4.48 23.95
C SER A 51 38.43 -3.98 22.78
N GLU A 52 38.19 -2.74 22.37
CA GLU A 52 38.91 -2.16 21.25
C GLU A 52 39.91 -1.11 21.74
N ARG A 53 40.82 -0.71 20.86
CA ARG A 53 41.84 0.28 21.21
C ARG A 53 42.66 -0.19 22.41
N ILE A 54 43.22 -1.39 22.30
CA ILE A 54 44.03 -1.95 23.37
C ILE A 54 45.32 -2.56 22.83
N ALA A 55 46.34 -2.63 23.68
CA ALA A 55 47.63 -3.19 23.28
C ALA A 55 47.76 -4.63 23.78
N SER A 56 48.60 -5.41 23.09
CA SER A 56 48.82 -6.80 23.45
C SER A 56 49.97 -7.40 22.65
N THR A 57 51.09 -7.67 23.33
CA THR A 57 52.25 -8.24 22.67
C THR A 57 52.62 -7.45 21.41
N TYR A 58 52.44 -6.14 21.46
CA TYR A 58 52.74 -5.28 20.33
C TYR A 58 51.96 -5.71 19.09
N LEU A 59 50.67 -5.96 19.27
CA LEU A 59 49.81 -6.37 18.18
C LEU A 59 48.82 -5.27 17.81
N GLY A 1 -18.41 5.76 -27.82
CA GLY A 1 -18.87 5.89 -26.45
C GLY A 1 -18.43 4.74 -25.57
N GLY A 2 -18.16 5.03 -24.31
CA GLY A 2 -17.72 3.99 -23.38
C GLY A 2 -18.48 4.04 -22.07
N SER A 3 -17.90 3.43 -21.04
CA SER A 3 -18.53 3.39 -19.72
C SER A 3 -17.63 4.04 -18.67
N ASP A 4 -18.23 4.86 -17.82
CA ASP A 4 -17.48 5.53 -16.76
C ASP A 4 -17.60 4.79 -15.44
N GLU A 5 -18.78 4.22 -15.20
CA GLU A 5 -19.03 3.47 -13.97
C GLU A 5 -17.98 2.37 -13.78
N ASP A 6 -17.58 1.76 -14.89
CA ASP A 6 -16.58 0.69 -14.84
C ASP A 6 -15.31 1.16 -14.13
N ALA A 7 -14.84 2.35 -14.51
CA ALA A 7 -13.64 2.92 -13.91
C ALA A 7 -13.74 2.94 -12.40
N LEU A 8 -14.94 3.20 -11.88
CA LEU A 8 -15.17 3.26 -10.45
C LEU A 8 -14.65 1.99 -9.77
N LYS A 9 -14.97 0.84 -10.34
CA LYS A 9 -14.54 -0.43 -9.79
C LYS A 9 -13.03 -0.45 -9.57
N ALA A 10 -12.28 -0.01 -10.58
CA ALA A 10 -10.83 0.03 -10.49
C ALA A 10 -10.37 1.05 -9.47
N ALA A 11 -11.09 2.17 -9.39
CA ALA A 11 -10.76 3.23 -8.45
C ALA A 11 -10.63 2.69 -7.03
N ARG A 12 -9.71 3.27 -6.26
CA ARG A 12 -9.49 2.83 -4.89
C ARG A 12 -9.43 4.03 -3.94
N ALA A 13 -9.97 3.86 -2.74
CA ALA A 13 -9.98 4.93 -1.74
C ALA A 13 -8.58 5.50 -1.54
N ILE A 14 -8.51 6.66 -0.89
CA ILE A 14 -7.23 7.31 -0.64
C ILE A 14 -7.15 7.79 0.81
N LYS A 15 -7.08 6.84 1.74
CA LYS A 15 -6.99 7.18 3.16
C LYS A 15 -5.78 6.50 3.80
N PHE A 16 -4.95 7.29 4.46
CA PHE A 16 -3.75 6.76 5.10
C PHE A 16 -3.07 7.85 5.95
N LEU A 17 -2.07 7.45 6.72
CA LEU A 17 -1.34 8.38 7.57
C LEU A 17 0.11 8.51 7.11
N TYR A 18 0.70 9.68 7.38
CA TYR A 18 2.09 9.93 6.99
C TYR A 18 2.94 10.25 8.21
N GLN A 19 4.16 9.70 8.24
CA GLN A 19 5.07 9.92 9.35
C GLN A 19 6.48 10.17 8.85
N SER A 20 7.07 11.28 9.30
CA SER A 20 8.42 11.65 8.89
C SER A 20 9.47 10.83 9.66
N ASN A 21 10.41 10.25 8.92
CA ASN A 21 11.46 9.43 9.53
C ASN A 21 12.80 9.68 8.83
N PRO A 22 13.35 10.88 9.01
CA PRO A 22 14.63 11.27 8.41
C PRO A 22 15.81 10.52 9.04
N PRO A 23 16.97 10.61 8.39
CA PRO A 23 18.20 9.95 8.87
C PRO A 23 18.74 10.58 10.13
N PRO A 24 19.70 9.90 10.78
CA PRO A 24 20.33 10.38 12.01
C PRO A 24 21.22 11.59 11.78
N ASN A 25 21.09 12.60 12.65
CA ASN A 25 21.88 13.81 12.54
C ASN A 25 22.32 14.31 13.91
N PRO A 26 23.28 13.60 14.52
CA PRO A 26 23.80 13.95 15.84
C PRO A 26 24.63 15.23 15.82
N GLU A 27 25.33 15.45 14.71
CA GLU A 27 26.16 16.64 14.55
C GLU A 27 27.15 16.76 15.73
N GLY A 28 27.82 15.66 16.04
CA GLY A 28 28.78 15.67 17.13
C GLY A 28 30.21 15.70 16.64
N THR A 29 30.84 16.87 16.72
CA THR A 29 32.22 17.03 16.28
C THR A 29 33.15 17.33 17.46
N ARG A 30 33.39 16.32 18.28
CA ARG A 30 34.26 16.46 19.44
C ARG A 30 35.70 16.72 19.01
N GLN A 31 36.14 16.03 17.98
CA GLN A 31 37.50 16.19 17.47
C GLN A 31 37.66 15.54 16.11
N ALA A 32 38.15 16.31 15.14
CA ALA A 32 38.34 15.81 13.78
C ALA A 32 39.24 16.75 12.97
N ARG A 33 40.42 16.26 12.61
CA ARG A 33 41.37 17.06 11.84
C ARG A 33 41.74 16.35 10.54
N ARG A 34 42.34 17.08 9.62
CA ARG A 34 42.75 16.53 8.34
C ARG A 34 44.23 16.81 8.06
N ASN A 35 45.04 16.78 9.12
CA ASN A 35 46.47 17.04 8.99
C ASN A 35 47.12 16.02 8.07
N ARG A 36 48.43 16.16 7.87
CA ARG A 36 49.18 15.25 7.01
C ARG A 36 50.68 15.51 7.12
N ARG A 37 51.45 14.43 7.21
CA ARG A 37 52.90 14.54 7.32
C ARG A 37 53.54 14.68 5.95
N ARG A 38 54.00 15.88 5.63
CA ARG A 38 54.64 16.15 4.35
C ARG A 38 56.14 16.31 4.51
N ARG A 39 56.79 15.28 5.05
CA ARG A 39 58.23 15.32 5.27
C ARG A 39 58.97 15.58 3.95
N TRP A 40 59.96 16.45 4.01
CA TRP A 40 60.75 16.80 2.82
C TRP A 40 62.23 16.81 3.14
N ARG A 41 63.05 16.50 2.14
CA ARG A 41 64.51 16.47 2.31
C ARG A 41 65.10 17.85 2.08
N GLU A 42 65.33 18.58 3.16
CA GLU A 42 65.90 19.92 3.06
C GLU A 42 66.84 20.20 4.24
N ARG A 43 68.10 20.46 3.92
CA ARG A 43 69.10 20.74 4.96
C ARG A 43 69.80 22.06 4.69
N GLN A 44 70.72 22.43 5.57
CA GLN A 44 71.46 23.68 5.43
C GLN A 44 72.95 23.41 5.26
N ARG A 45 73.67 24.40 4.74
CA ARG A 45 75.11 24.27 4.52
C ARG A 45 75.80 25.63 4.64
N GLN A 46 76.99 25.63 5.22
CA GLN A 46 77.76 26.86 5.39
C GLN A 46 78.38 27.30 4.07
N ILE A 47 78.96 28.50 4.06
CA ILE A 47 79.60 29.03 2.87
C ILE A 47 80.77 29.93 3.22
N HIS A 48 81.86 29.82 2.47
CA HIS A 48 83.05 30.62 2.70
C HIS A 48 83.98 30.60 1.49
N SER A 49 84.66 31.72 1.25
CA SER A 49 85.57 31.83 0.12
C SER A 49 86.64 32.89 0.38
N ALA A 50 87.89 32.47 0.33
CA ALA A 50 89.01 33.39 0.55
C ALA A 50 90.28 32.87 -0.12
N SER A 51 90.68 33.55 -1.20
CA SER A 51 91.88 33.16 -1.93
C SER A 51 93.14 33.47 -1.12
N GLU A 52 93.44 34.76 -0.98
CA GLU A 52 94.62 35.19 -0.23
C GLU A 52 94.33 35.18 1.27
N ARG A 53 95.25 34.62 2.04
CA ARG A 53 95.11 34.55 3.49
C ARG A 53 96.07 35.51 4.18
N ILE A 54 95.69 35.96 5.37
CA ILE A 54 96.53 36.88 6.14
C ILE A 54 97.39 36.13 7.15
N ALA A 55 98.68 36.48 7.20
CA ALA A 55 99.60 35.84 8.12
C ALA A 55 99.36 36.32 9.55
N SER A 56 99.68 35.46 10.51
CA SER A 56 99.49 35.79 11.92
C SER A 56 100.48 35.01 12.79
N THR A 57 101.22 35.74 13.63
CA THR A 57 102.20 35.13 14.52
C THR A 57 101.52 34.15 15.48
N TYR A 58 102.18 33.02 15.71
CA TYR A 58 101.64 32.01 16.61
C TYR A 58 102.30 32.09 17.99
N LEU A 59 101.63 32.77 18.91
CA LEU A 59 102.15 32.93 20.26
C LEU A 59 101.54 31.90 21.21
N GLY A 1 -16.78 3.11 -25.38
CA GLY A 1 -17.26 4.47 -25.60
C GLY A 1 -16.91 5.40 -24.45
N GLY A 2 -17.00 4.88 -23.22
CA GLY A 2 -16.70 5.68 -22.05
C GLY A 2 -16.28 4.84 -20.87
N SER A 3 -17.17 3.94 -20.44
CA SER A 3 -16.89 3.07 -19.30
C SER A 3 -16.57 3.89 -18.06
N ASP A 4 -17.39 4.90 -17.81
CA ASP A 4 -17.19 5.77 -16.65
C ASP A 4 -17.53 5.02 -15.35
N GLU A 5 -18.71 4.41 -15.32
CA GLU A 5 -19.14 3.66 -14.14
C GLU A 5 -18.21 2.48 -13.86
N ASP A 6 -17.90 1.73 -14.92
CA ASP A 6 -17.02 0.57 -14.78
C ASP A 6 -15.69 0.97 -14.16
N ALA A 7 -15.15 2.10 -14.59
CA ALA A 7 -13.87 2.59 -14.07
C ALA A 7 -13.89 2.64 -12.55
N LEU A 8 -15.06 2.90 -11.98
CA LEU A 8 -15.20 2.97 -10.52
C LEU A 8 -14.61 1.74 -9.86
N LYS A 9 -14.74 0.60 -10.53
CA LYS A 9 -14.22 -0.66 -10.01
C LYS A 9 -12.75 -0.52 -9.60
N ALA A 10 -12.02 0.32 -10.33
CA ALA A 10 -10.61 0.54 -10.05
C ALA A 10 -10.42 1.05 -8.62
N ALA A 11 -11.32 1.91 -8.16
CA ALA A 11 -11.24 2.46 -6.82
C ALA A 11 -11.56 1.40 -5.78
N ARG A 12 -10.54 0.98 -5.04
CA ARG A 12 -10.71 -0.04 -4.01
C ARG A 12 -10.35 0.52 -2.63
N ALA A 13 -10.50 -0.32 -1.61
CA ALA A 13 -10.18 0.09 -0.24
C ALA A 13 -8.74 0.58 -0.13
N ILE A 14 -8.36 0.98 1.08
CA ILE A 14 -7.00 1.48 1.32
C ILE A 14 -6.30 0.65 2.39
N LYS A 15 -7.07 0.22 3.39
CA LYS A 15 -6.53 -0.58 4.48
C LYS A 15 -6.79 -2.06 4.25
N PHE A 16 -5.88 -2.90 4.74
CA PHE A 16 -6.00 -4.35 4.58
C PHE A 16 -6.06 -5.04 5.94
N LEU A 17 -6.86 -6.09 6.02
CA LEU A 17 -7.01 -6.85 7.27
C LEU A 17 -7.27 -8.32 6.99
N TYR A 18 -7.36 -9.11 8.05
CA TYR A 18 -7.60 -10.54 7.92
C TYR A 18 -6.55 -11.20 7.03
N GLN A 19 -5.28 -10.96 7.34
CA GLN A 19 -4.18 -11.51 6.57
C GLN A 19 -4.23 -13.04 6.59
N SER A 20 -3.99 -13.65 5.43
CA SER A 20 -4.02 -15.10 5.31
C SER A 20 -2.74 -15.61 4.65
N ASN A 21 -2.25 -16.76 5.12
CA ASN A 21 -1.04 -17.36 4.58
C ASN A 21 -1.29 -18.79 4.15
N PRO A 22 -0.40 -19.32 3.28
CA PRO A 22 -0.50 -20.69 2.76
C PRO A 22 -0.20 -21.72 3.84
N PRO A 23 -0.52 -23.00 3.54
CA PRO A 23 -0.28 -24.10 4.47
C PRO A 23 1.21 -24.40 4.65
N PRO A 24 1.52 -25.23 5.67
CA PRO A 24 2.91 -25.62 5.96
C PRO A 24 3.48 -26.54 4.90
N ASN A 25 4.73 -26.28 4.52
CA ASN A 25 5.42 -27.09 3.51
C ASN A 25 6.92 -27.11 3.76
N PRO A 26 7.33 -27.79 4.84
CA PRO A 26 8.75 -27.91 5.20
C PRO A 26 9.53 -28.78 4.24
N GLU A 27 8.89 -29.84 3.76
CA GLU A 27 9.53 -30.75 2.82
C GLU A 27 8.48 -31.57 2.06
N GLY A 28 8.31 -31.27 0.78
CA GLY A 28 7.35 -31.98 -0.04
C GLY A 28 7.84 -32.21 -1.46
N THR A 29 8.23 -33.45 -1.76
CA THR A 29 8.72 -33.80 -3.08
C THR A 29 7.84 -34.86 -3.73
N ARG A 30 6.66 -34.45 -4.18
CA ARG A 30 5.73 -35.37 -4.83
C ARG A 30 5.78 -35.21 -6.35
N GLN A 31 5.83 -33.98 -6.80
CA GLN A 31 5.87 -33.69 -8.23
C GLN A 31 6.64 -32.40 -8.51
N ALA A 32 7.74 -32.52 -9.26
CA ALA A 32 8.56 -31.36 -9.59
C ALA A 32 9.02 -31.43 -11.04
N ARG A 33 8.71 -30.38 -11.80
CA ARG A 33 9.10 -30.31 -13.21
C ARG A 33 10.21 -29.29 -13.42
N ARG A 34 11.38 -29.56 -12.86
CA ARG A 34 12.52 -28.65 -12.98
C ARG A 34 13.82 -29.44 -13.12
N ASN A 35 14.76 -28.88 -13.87
CA ASN A 35 16.05 -29.54 -14.08
C ASN A 35 17.12 -28.51 -14.48
N ARG A 36 18.37 -28.81 -14.14
CA ARG A 36 19.48 -27.92 -14.46
C ARG A 36 20.48 -28.61 -15.39
N ARG A 37 20.95 -27.88 -16.38
CA ARG A 37 21.92 -28.42 -17.33
C ARG A 37 22.75 -27.30 -17.96
N ARG A 38 23.99 -27.61 -18.31
CA ARG A 38 24.89 -26.64 -18.91
C ARG A 38 25.09 -26.94 -20.39
N ARG A 39 25.51 -28.17 -20.70
CA ARG A 39 25.75 -28.58 -22.08
C ARG A 39 24.43 -28.71 -22.84
N TRP A 40 24.06 -27.64 -23.54
CA TRP A 40 22.82 -27.63 -24.31
C TRP A 40 22.88 -28.65 -25.44
N ARG A 41 21.71 -29.15 -25.83
CA ARG A 41 21.63 -30.14 -26.91
C ARG A 41 20.29 -30.03 -27.64
N GLU A 42 20.34 -30.19 -28.96
CA GLU A 42 19.14 -30.11 -29.78
C GLU A 42 18.85 -31.44 -30.46
N ARG A 43 17.69 -31.53 -31.09
CA ARG A 43 17.28 -32.76 -31.78
C ARG A 43 17.04 -32.50 -33.26
N GLN A 44 17.53 -33.40 -34.10
CA GLN A 44 17.37 -33.26 -35.54
C GLN A 44 16.44 -34.35 -36.09
N ARG A 45 15.15 -34.23 -35.79
CA ARG A 45 14.17 -35.20 -36.26
C ARG A 45 13.58 -34.79 -37.61
N GLN A 46 13.60 -35.71 -38.56
CA GLN A 46 13.08 -35.44 -39.89
C GLN A 46 11.62 -35.87 -40.00
N ILE A 47 10.82 -35.08 -40.71
CA ILE A 47 9.41 -35.38 -40.89
C ILE A 47 8.91 -34.88 -42.23
N HIS A 48 8.09 -35.69 -42.89
CA HIS A 48 7.54 -35.33 -44.20
C HIS A 48 6.03 -35.12 -44.12
N SER A 49 5.58 -34.54 -43.00
CA SER A 49 4.16 -34.29 -42.80
C SER A 49 3.65 -33.22 -43.76
N ALA A 50 2.59 -33.55 -44.48
CA ALA A 50 2.00 -32.62 -45.44
C ALA A 50 0.71 -33.18 -46.03
N SER A 51 -0.41 -32.54 -45.72
CA SER A 51 -1.71 -32.99 -46.22
C SER A 51 -2.04 -34.40 -45.71
N GLU A 52 -1.64 -34.68 -44.48
CA GLU A 52 -1.89 -35.99 -43.88
C GLU A 52 -2.99 -35.91 -42.83
N ARG A 53 -2.67 -35.31 -41.69
CA ARG A 53 -3.63 -35.17 -40.60
C ARG A 53 -4.05 -36.54 -40.08
N ILE A 54 -3.08 -37.39 -39.81
CA ILE A 54 -3.35 -38.74 -39.30
C ILE A 54 -4.00 -38.68 -37.92
N ALA A 55 -5.25 -39.14 -37.84
CA ALA A 55 -5.97 -39.15 -36.58
C ALA A 55 -6.22 -40.56 -36.09
N SER A 56 -5.71 -40.88 -34.90
CA SER A 56 -5.87 -42.21 -34.33
C SER A 56 -6.64 -42.15 -33.02
N THR A 57 -7.93 -42.43 -33.07
CA THR A 57 -8.78 -42.41 -31.88
C THR A 57 -9.68 -43.63 -31.82
N TYR A 58 -10.15 -43.95 -30.63
CA TYR A 58 -11.02 -45.10 -30.43
C TYR A 58 -12.28 -44.98 -31.27
N LEU A 59 -12.63 -46.07 -31.95
CA LEU A 59 -13.83 -46.08 -32.80
C LEU A 59 -15.06 -45.63 -32.02
N GLY A 1 -20.91 8.22 -22.97
CA GLY A 1 -19.98 7.22 -22.49
C GLY A 1 -20.60 5.84 -22.40
N GLY A 2 -20.04 4.99 -21.55
CA GLY A 2 -20.56 3.64 -21.39
C GLY A 2 -19.83 2.87 -20.31
N SER A 3 -18.52 3.06 -20.24
CA SER A 3 -17.70 2.36 -19.24
C SER A 3 -17.25 3.31 -18.15
N ASP A 4 -18.15 4.21 -17.75
CA ASP A 4 -17.86 5.17 -16.70
C ASP A 4 -17.73 4.50 -15.34
N GLU A 5 -18.74 3.71 -14.99
CA GLU A 5 -18.75 3.00 -13.71
C GLU A 5 -17.49 2.14 -13.56
N ASP A 6 -17.06 1.56 -14.68
CA ASP A 6 -15.86 0.71 -14.67
C ASP A 6 -14.68 1.44 -14.04
N ALA A 7 -14.51 2.70 -14.42
CA ALA A 7 -13.41 3.51 -13.89
C ALA A 7 -13.40 3.50 -12.36
N LEU A 8 -14.57 3.67 -11.77
CA LEU A 8 -14.70 3.68 -10.32
C LEU A 8 -14.57 2.27 -9.75
N LYS A 9 -15.21 1.31 -10.41
CA LYS A 9 -15.16 -0.07 -9.97
C LYS A 9 -13.72 -0.58 -9.94
N ALA A 10 -12.92 -0.13 -10.89
CA ALA A 10 -11.53 -0.54 -10.97
C ALA A 10 -10.79 -0.23 -9.67
N ALA A 11 -10.93 1.00 -9.20
CA ALA A 11 -10.27 1.43 -7.97
C ALA A 11 -10.86 0.71 -6.75
N ARG A 12 -9.99 0.28 -5.85
CA ARG A 12 -10.42 -0.43 -4.65
C ARG A 12 -9.28 -0.54 -3.64
N ALA A 13 -9.56 -0.17 -2.40
CA ALA A 13 -8.56 -0.22 -1.34
C ALA A 13 -8.39 -1.65 -0.82
N ILE A 14 -7.14 -2.10 -0.72
CA ILE A 14 -6.85 -3.44 -0.24
C ILE A 14 -5.90 -3.40 0.95
N LYS A 15 -6.41 -2.91 2.08
CA LYS A 15 -5.61 -2.82 3.29
C LYS A 15 -5.83 -4.04 4.18
N PHE A 16 -4.74 -4.70 4.56
CA PHE A 16 -4.81 -5.89 5.41
C PHE A 16 -4.20 -5.61 6.78
N LEU A 17 -4.59 -6.41 7.77
CA LEU A 17 -4.08 -6.26 9.13
C LEU A 17 -4.38 -7.50 9.96
N TYR A 18 -3.40 -7.92 10.76
CA TYR A 18 -3.56 -9.09 11.61
C TYR A 18 -3.80 -8.69 13.06
N GLN A 19 -4.05 -9.67 13.90
CA GLN A 19 -4.29 -9.42 15.32
C GLN A 19 -3.45 -10.34 16.19
N SER A 20 -3.05 -9.85 17.36
CA SER A 20 -2.23 -10.63 18.28
C SER A 20 -3.08 -11.23 19.39
N ASN A 21 -2.52 -12.20 20.11
CA ASN A 21 -3.23 -12.87 21.19
C ASN A 21 -2.57 -12.56 22.54
N PRO A 22 -3.33 -12.75 23.63
CA PRO A 22 -2.84 -12.50 24.98
C PRO A 22 -1.79 -13.52 25.41
N PRO A 23 -1.11 -13.22 26.53
CA PRO A 23 -0.07 -14.11 27.08
C PRO A 23 -0.65 -15.40 27.65
N PRO A 24 0.23 -16.37 27.94
CA PRO A 24 -0.16 -17.66 28.50
C PRO A 24 -0.66 -17.55 29.94
N ASN A 25 -0.94 -18.69 30.56
CA ASN A 25 -1.41 -18.72 31.93
C ASN A 25 -0.59 -19.69 32.78
N PRO A 26 0.68 -19.33 33.03
CA PRO A 26 1.60 -20.16 33.82
C PRO A 26 1.21 -20.20 35.30
N GLU A 27 0.71 -19.08 35.80
CA GLU A 27 0.30 -18.99 37.20
C GLU A 27 -0.68 -17.83 37.41
N GLY A 28 -1.92 -18.16 37.73
CA GLY A 28 -2.93 -17.14 37.95
C GLY A 28 -3.07 -16.78 39.42
N THR A 29 -2.51 -15.63 39.80
CA THR A 29 -2.57 -15.16 41.18
C THR A 29 -3.84 -14.36 41.43
N ARG A 30 -4.98 -15.05 41.52
CA ARG A 30 -6.25 -14.40 41.76
C ARG A 30 -6.63 -14.47 43.24
N GLN A 31 -5.63 -14.43 44.10
CA GLN A 31 -5.86 -14.49 45.54
C GLN A 31 -4.58 -14.17 46.31
N ALA A 32 -4.68 -13.26 47.27
CA ALA A 32 -3.53 -12.86 48.08
C ALA A 32 -3.62 -13.44 49.48
N ARG A 33 -2.48 -13.52 50.17
CA ARG A 33 -2.43 -14.06 51.51
C ARG A 33 -2.82 -13.00 52.54
N ARG A 34 -3.15 -13.45 53.75
CA ARG A 34 -3.54 -12.54 54.82
C ARG A 34 -4.70 -11.64 54.38
N ASN A 35 -5.61 -12.20 53.59
CA ASN A 35 -6.76 -11.45 53.10
C ASN A 35 -8.06 -12.15 53.47
N ARG A 36 -9.19 -11.52 53.15
CA ARG A 36 -10.49 -12.08 53.45
C ARG A 36 -11.61 -11.23 52.84
N ARG A 37 -12.78 -11.83 52.66
CA ARG A 37 -13.92 -11.13 52.08
C ARG A 37 -14.98 -10.87 53.14
N ARG A 38 -16.15 -10.43 52.70
CA ARG A 38 -17.26 -10.14 53.60
C ARG A 38 -16.90 -9.00 54.56
N ARG A 39 -16.14 -8.04 54.05
CA ARG A 39 -15.72 -6.90 54.85
C ARG A 39 -15.08 -7.36 56.16
N TRP A 40 -14.32 -8.44 56.08
CA TRP A 40 -13.65 -8.99 57.25
C TRP A 40 -12.78 -7.93 57.93
N ARG A 41 -12.03 -7.18 57.11
CA ARG A 41 -11.16 -6.14 57.64
C ARG A 41 -11.84 -4.77 57.57
N GLU A 42 -11.74 -4.01 58.66
CA GLU A 42 -12.35 -2.69 58.71
C GLU A 42 -11.65 -1.72 57.76
N ARG A 43 -10.32 -1.74 57.77
CA ARG A 43 -9.53 -0.87 56.91
C ARG A 43 -8.16 -1.46 56.65
N GLN A 44 -7.71 -1.37 55.40
CA GLN A 44 -6.40 -1.91 55.02
C GLN A 44 -5.34 -0.81 55.04
N ARG A 45 -5.25 -0.10 56.16
CA ARG A 45 -4.27 0.97 56.32
C ARG A 45 -2.87 0.48 55.96
N GLN A 46 -2.09 1.35 55.32
CA GLN A 46 -0.73 1.01 54.93
C GLN A 46 0.26 1.39 56.02
N ILE A 47 1.53 1.06 55.79
CA ILE A 47 2.58 1.37 56.76
C ILE A 47 3.39 2.58 56.32
N HIS A 48 3.08 3.74 56.90
CA HIS A 48 3.78 4.98 56.58
C HIS A 48 3.66 5.99 57.72
N SER A 49 4.79 6.37 58.29
CA SER A 49 4.81 7.32 59.38
C SER A 49 5.11 8.74 58.87
N ALA A 50 4.25 9.68 59.21
CA ALA A 50 4.41 11.07 58.79
C ALA A 50 4.41 12.01 59.99
N SER A 51 5.56 12.14 60.65
CA SER A 51 5.68 13.00 61.82
C SER A 51 7.06 13.65 61.87
N GLU A 52 7.18 14.72 62.65
CA GLU A 52 8.44 15.43 62.80
C GLU A 52 8.64 15.91 64.23
N ARG A 53 9.58 15.29 64.94
CA ARG A 53 9.87 15.65 66.32
C ARG A 53 10.48 17.05 66.39
N ILE A 54 9.83 17.94 67.15
CA ILE A 54 10.32 19.30 67.31
C ILE A 54 10.34 19.71 68.78
N ALA A 55 10.83 20.91 69.04
CA ALA A 55 10.90 21.42 70.40
C ALA A 55 10.94 22.95 70.41
N SER A 56 9.84 23.56 70.82
CA SER A 56 9.75 25.02 70.87
C SER A 56 8.99 25.47 72.11
N THR A 57 9.71 26.02 73.08
CA THR A 57 9.11 26.50 74.32
C THR A 57 8.92 28.01 74.29
N TYR A 58 7.95 28.49 75.06
CA TYR A 58 7.65 29.92 75.12
C TYR A 58 6.62 30.22 76.20
N LEU A 59 6.72 31.40 76.80
CA LEU A 59 5.80 31.81 77.85
C LEU A 59 4.45 32.21 77.27
N GLY A 1 -19.31 7.75 -26.07
CA GLY A 1 -18.46 6.86 -25.29
C GLY A 1 -19.11 6.46 -23.97
N GLY A 2 -18.28 6.14 -22.98
CA GLY A 2 -18.79 5.74 -21.68
C GLY A 2 -17.72 5.14 -20.80
N SER A 3 -18.02 3.98 -20.22
CA SER A 3 -17.07 3.30 -19.34
C SER A 3 -16.77 4.15 -18.10
N ASP A 4 -17.83 4.68 -17.49
CA ASP A 4 -17.67 5.51 -16.30
C ASP A 4 -17.76 4.67 -15.04
N GLU A 5 -18.71 3.75 -15.01
CA GLU A 5 -18.89 2.87 -13.85
C GLU A 5 -17.70 1.94 -13.67
N ASP A 6 -17.19 1.44 -14.79
CA ASP A 6 -16.04 0.54 -14.76
C ASP A 6 -14.81 1.23 -14.17
N ALA A 7 -14.60 2.47 -14.57
CA ALA A 7 -13.46 3.25 -14.09
C ALA A 7 -13.48 3.35 -12.57
N LEU A 8 -14.66 3.59 -12.01
CA LEU A 8 -14.81 3.72 -10.57
C LEU A 8 -14.65 2.37 -9.88
N LYS A 9 -15.15 1.32 -10.52
CA LYS A 9 -15.06 -0.03 -9.98
C LYS A 9 -13.61 -0.44 -9.79
N ALA A 10 -12.75 -0.07 -10.74
CA ALA A 10 -11.34 -0.40 -10.66
C ALA A 10 -10.72 0.14 -9.38
N ALA A 11 -11.02 1.40 -9.07
CA ALA A 11 -10.50 2.04 -7.86
C ALA A 11 -11.50 1.96 -6.71
N ARG A 12 -11.58 0.80 -6.08
CA ARG A 12 -12.50 0.59 -4.98
C ARG A 12 -11.77 0.03 -3.75
N ALA A 13 -12.09 0.57 -2.57
CA ALA A 13 -11.46 0.11 -1.34
C ALA A 13 -9.94 0.13 -1.45
N ILE A 14 -9.39 1.26 -1.89
CA ILE A 14 -7.95 1.40 -2.05
C ILE A 14 -7.22 0.99 -0.77
N LYS A 15 -7.83 1.29 0.37
CA LYS A 15 -7.23 0.96 1.66
C LYS A 15 -8.21 1.27 2.80
N PHE A 16 -8.46 0.28 3.64
CA PHE A 16 -9.36 0.45 4.78
C PHE A 16 -8.71 -0.02 6.08
N LEU A 17 -8.96 0.72 7.15
CA LEU A 17 -8.39 0.38 8.45
C LEU A 17 -9.44 0.54 9.55
N TYR A 18 -9.70 -0.55 10.27
CA TYR A 18 -10.68 -0.54 11.35
C TYR A 18 -10.03 -0.08 12.66
N GLN A 19 -10.34 1.16 13.06
CA GLN A 19 -9.79 1.72 14.28
C GLN A 19 -10.78 1.59 15.43
N SER A 20 -10.96 0.37 15.92
CA SER A 20 -11.89 0.11 17.01
C SER A 20 -11.16 -0.49 18.21
N ASN A 21 -11.78 -0.41 19.38
CA ASN A 21 -11.20 -0.94 20.60
C ASN A 21 -12.28 -1.42 21.56
N PRO A 22 -12.96 -2.52 21.20
CA PRO A 22 -14.03 -3.11 22.01
C PRO A 22 -13.50 -3.74 23.29
N PRO A 23 -14.42 -4.06 24.21
CA PRO A 23 -14.06 -4.69 25.49
C PRO A 23 -13.58 -6.13 25.33
N PRO A 24 -13.00 -6.69 26.40
CA PRO A 24 -12.48 -8.05 26.39
C PRO A 24 -13.60 -9.10 26.33
N ASN A 25 -13.21 -10.37 26.25
CA ASN A 25 -14.18 -11.46 26.19
C ASN A 25 -14.98 -11.39 24.90
N PRO A 26 -14.32 -11.67 23.77
CA PRO A 26 -14.95 -11.65 22.44
C PRO A 26 -15.93 -12.80 22.26
N GLU A 27 -15.62 -13.95 22.85
CA GLU A 27 -16.48 -15.12 22.75
C GLU A 27 -16.28 -16.04 23.95
N GLY A 28 -17.28 -16.06 24.83
CA GLY A 28 -17.20 -16.89 26.02
C GLY A 28 -17.49 -18.35 25.72
N THR A 29 -18.50 -18.58 24.87
CA THR A 29 -18.88 -19.94 24.51
C THR A 29 -18.81 -20.15 23.00
N ARG A 30 -17.60 -20.34 22.49
CA ARG A 30 -17.41 -20.55 21.06
C ARG A 30 -18.19 -21.76 20.56
N GLN A 31 -18.00 -22.89 21.22
CA GLN A 31 -18.69 -24.12 20.84
C GLN A 31 -18.41 -25.23 21.85
N ALA A 32 -19.48 -25.88 22.32
CA ALA A 32 -19.34 -26.96 23.28
C ALA A 32 -19.85 -28.28 22.71
N ARG A 33 -19.57 -29.37 23.40
CA ARG A 33 -20.00 -30.69 22.95
C ARG A 33 -21.49 -30.90 23.22
N ARG A 34 -22.32 -30.57 22.24
CA ARG A 34 -23.76 -30.72 22.38
C ARG A 34 -24.13 -32.17 22.66
N ASN A 35 -25.10 -32.37 23.54
CA ASN A 35 -25.56 -33.71 23.91
C ASN A 35 -26.27 -34.38 22.74
N ARG A 36 -26.31 -35.71 22.76
CA ARG A 36 -26.96 -36.47 21.70
C ARG A 36 -27.75 -37.65 22.28
N ARG A 37 -28.97 -37.83 21.81
CA ARG A 37 -29.82 -38.92 22.28
C ARG A 37 -29.20 -40.27 21.93
N ARG A 38 -29.12 -41.14 22.93
CA ARG A 38 -28.54 -42.47 22.74
C ARG A 38 -29.51 -43.38 22.00
N ARG A 39 -29.22 -43.64 20.72
CA ARG A 39 -30.08 -44.49 19.91
C ARG A 39 -29.39 -45.81 19.61
N TRP A 40 -30.07 -46.67 18.86
CA TRP A 40 -29.52 -47.98 18.50
C TRP A 40 -30.10 -48.47 17.19
N ARG A 41 -29.28 -49.15 16.39
CA ARG A 41 -29.71 -49.67 15.10
C ARG A 41 -29.70 -51.20 15.10
N GLU A 42 -30.88 -51.79 15.25
CA GLU A 42 -31.00 -53.25 15.27
C GLU A 42 -31.22 -53.80 13.87
N ARG A 43 -32.26 -53.29 13.19
CA ARG A 43 -32.57 -53.73 11.84
C ARG A 43 -32.23 -52.64 10.83
N GLN A 44 -31.50 -53.01 9.78
CA GLN A 44 -31.11 -52.07 8.75
C GLN A 44 -32.34 -51.39 8.15
N ARG A 45 -32.13 -50.20 7.58
CA ARG A 45 -33.22 -49.44 6.97
C ARG A 45 -32.74 -48.73 5.71
N GLN A 46 -33.50 -48.89 4.62
CA GLN A 46 -33.15 -48.27 3.35
C GLN A 46 -34.39 -48.07 2.48
N ILE A 47 -34.44 -46.95 1.77
CA ILE A 47 -35.58 -46.65 0.91
C ILE A 47 -35.27 -47.00 -0.55
N HIS A 48 -35.09 -48.29 -0.81
CA HIS A 48 -34.79 -48.76 -2.16
C HIS A 48 -36.04 -48.78 -3.03
N SER A 49 -36.19 -47.75 -3.86
CA SER A 49 -37.35 -47.66 -4.73
C SER A 49 -37.08 -48.33 -6.08
N ALA A 50 -38.09 -48.34 -6.94
CA ALA A 50 -37.96 -48.95 -8.25
C ALA A 50 -37.37 -47.96 -9.26
N SER A 51 -37.93 -46.76 -9.30
CA SER A 51 -37.47 -45.73 -10.22
C SER A 51 -37.94 -44.35 -9.77
N GLU A 52 -37.03 -43.38 -9.79
CA GLU A 52 -37.34 -42.02 -9.39
C GLU A 52 -37.80 -41.18 -10.58
N ARG A 53 -38.14 -39.92 -10.33
CA ARG A 53 -38.58 -39.02 -11.38
C ARG A 53 -37.74 -37.75 -11.41
N ILE A 54 -37.39 -37.31 -12.61
CA ILE A 54 -36.59 -36.10 -12.77
C ILE A 54 -37.42 -34.97 -13.37
N ALA A 55 -36.79 -33.80 -13.51
CA ALA A 55 -37.47 -32.64 -14.07
C ALA A 55 -37.84 -32.87 -15.52
N SER A 56 -39.10 -32.59 -15.87
CA SER A 56 -39.58 -32.79 -17.22
C SER A 56 -39.76 -31.44 -17.93
N THR A 57 -38.71 -30.99 -18.61
CA THR A 57 -38.74 -29.72 -19.31
C THR A 57 -39.81 -29.72 -20.39
N TYR A 58 -40.85 -28.91 -20.19
CA TYR A 58 -41.95 -28.82 -21.15
C TYR A 58 -41.73 -27.67 -22.13
N LEU A 59 -41.26 -28.01 -23.33
CA LEU A 59 -41.01 -27.00 -24.36
C LEU A 59 -42.22 -26.86 -25.29
N GLY A 1 -16.97 9.74 -24.56
CA GLY A 1 -16.35 8.57 -24.00
C GLY A 1 -16.96 8.17 -22.67
N GLY A 2 -17.48 6.94 -22.60
CA GLY A 2 -18.10 6.47 -21.37
C GLY A 2 -17.11 5.76 -20.47
N SER A 3 -17.43 4.53 -20.09
CA SER A 3 -16.57 3.74 -19.22
C SER A 3 -16.37 4.45 -17.88
N ASP A 4 -17.45 4.99 -17.34
CA ASP A 4 -17.39 5.69 -16.05
C ASP A 4 -17.59 4.72 -14.89
N GLU A 5 -18.62 3.88 -14.99
CA GLU A 5 -18.91 2.91 -13.95
C GLU A 5 -17.78 1.89 -13.82
N ASP A 6 -17.31 1.40 -14.96
CA ASP A 6 -16.23 0.42 -14.98
C ASP A 6 -14.99 0.96 -14.27
N ALA A 7 -14.62 2.19 -14.59
CA ALA A 7 -13.46 2.83 -13.99
C ALA A 7 -13.67 3.04 -12.50
N LEU A 8 -14.88 3.44 -12.13
CA LEU A 8 -15.21 3.69 -10.72
C LEU A 8 -14.87 2.48 -9.87
N LYS A 9 -15.12 1.28 -10.41
CA LYS A 9 -14.84 0.04 -9.69
C LYS A 9 -13.34 -0.23 -9.65
N ALA A 10 -12.65 0.09 -10.74
CA ALA A 10 -11.21 -0.12 -10.83
C ALA A 10 -10.47 0.72 -9.79
N ALA A 11 -10.85 1.99 -9.69
CA ALA A 11 -10.23 2.90 -8.73
C ALA A 11 -10.48 2.45 -7.29
N ARG A 12 -9.48 1.83 -6.68
CA ARG A 12 -9.58 1.36 -5.31
C ARG A 12 -8.58 2.06 -4.40
N ALA A 13 -8.74 1.88 -3.10
CA ALA A 13 -7.85 2.50 -2.12
C ALA A 13 -6.55 1.72 -2.02
N ILE A 14 -5.44 2.36 -2.41
CA ILE A 14 -4.13 1.73 -2.36
C ILE A 14 -3.16 2.56 -1.52
N LYS A 15 -3.30 3.87 -1.58
CA LYS A 15 -2.44 4.77 -0.82
C LYS A 15 -2.54 4.47 0.67
N PHE A 16 -1.42 4.03 1.25
CA PHE A 16 -1.37 3.72 2.67
C PHE A 16 0.07 3.51 3.14
N LEU A 17 0.33 3.85 4.39
CA LEU A 17 1.66 3.70 4.96
C LEU A 17 2.68 4.53 4.18
N TYR A 18 2.29 5.73 3.81
CA TYR A 18 3.17 6.63 3.06
C TYR A 18 4.06 7.43 3.99
N GLN A 19 5.15 7.95 3.46
CA GLN A 19 6.10 8.74 4.24
C GLN A 19 6.32 10.11 3.62
N SER A 20 7.20 10.90 4.24
CA SER A 20 7.49 12.24 3.73
C SER A 20 9.00 12.49 3.72
N ASN A 21 9.70 11.71 2.91
CA ASN A 21 11.15 11.84 2.79
C ASN A 21 11.82 11.75 4.16
N PRO A 22 11.79 10.55 4.75
CA PRO A 22 12.39 10.30 6.07
C PRO A 22 13.91 10.37 6.04
N PRO A 23 14.53 10.42 7.22
CA PRO A 23 15.99 10.47 7.35
C PRO A 23 16.66 9.17 6.94
N PRO A 24 17.99 9.21 6.79
CA PRO A 24 18.78 8.03 6.40
C PRO A 24 18.84 6.99 7.50
N ASN A 25 18.48 5.76 7.16
CA ASN A 25 18.49 4.66 8.13
C ASN A 25 18.51 3.31 7.41
N PRO A 26 19.65 2.99 6.77
CA PRO A 26 19.82 1.73 6.04
C PRO A 26 19.90 0.53 6.98
N GLU A 27 20.48 0.73 8.15
CA GLU A 27 20.62 -0.34 9.13
C GLU A 27 19.60 -0.19 10.25
N GLY A 28 18.39 -0.69 10.02
CA GLY A 28 17.35 -0.60 11.02
C GLY A 28 16.44 -1.82 11.03
N THR A 29 15.94 -2.20 9.86
CA THR A 29 15.06 -3.35 9.75
C THR A 29 15.85 -4.62 9.47
N ARG A 30 16.54 -5.13 10.49
CA ARG A 30 17.35 -6.33 10.35
C ARG A 30 16.94 -7.37 11.38
N GLN A 31 16.71 -6.93 12.61
CA GLN A 31 16.32 -7.82 13.69
C GLN A 31 14.82 -7.74 13.94
N ALA A 32 14.06 -7.49 12.89
CA ALA A 32 12.61 -7.40 12.99
C ALA A 32 11.94 -8.69 12.57
N ARG A 33 10.65 -8.82 12.90
CA ARG A 33 9.89 -10.01 12.55
C ARG A 33 9.27 -9.88 11.16
N ARG A 34 8.92 -11.03 10.57
CA ARG A 34 8.32 -11.04 9.23
C ARG A 34 7.23 -12.09 9.15
N ASN A 35 6.54 -12.13 8.01
CA ASN A 35 5.48 -13.10 7.79
C ASN A 35 6.03 -14.49 7.49
N ARG A 36 5.22 -15.50 7.69
CA ARG A 36 5.63 -16.89 7.45
C ARG A 36 4.69 -17.57 6.47
N ARG A 37 5.26 -18.22 5.45
CA ARG A 37 4.46 -18.91 4.45
C ARG A 37 5.18 -20.18 3.97
N ARG A 38 4.65 -21.33 4.36
CA ARG A 38 5.24 -22.61 3.98
C ARG A 38 5.34 -22.72 2.45
N ARG A 39 4.31 -22.23 1.76
CA ARG A 39 4.27 -22.28 0.31
C ARG A 39 5.12 -21.17 -0.30
N TRP A 40 6.03 -21.54 -1.19
CA TRP A 40 6.91 -20.58 -1.85
C TRP A 40 6.38 -20.21 -3.23
N ARG A 41 5.90 -21.22 -3.95
CA ARG A 41 5.37 -21.00 -5.30
C ARG A 41 3.95 -20.47 -5.24
N GLU A 42 3.82 -19.14 -5.22
CA GLU A 42 2.51 -18.50 -5.16
C GLU A 42 1.62 -18.99 -6.31
N ARG A 43 2.05 -18.71 -7.54
CA ARG A 43 1.29 -19.10 -8.72
C ARG A 43 2.15 -19.96 -9.65
N GLN A 44 1.49 -20.75 -10.48
CA GLN A 44 2.19 -21.63 -11.42
C GLN A 44 2.83 -20.81 -12.54
N ARG A 45 4.01 -21.25 -12.98
CA ARG A 45 4.72 -20.56 -14.05
C ARG A 45 4.30 -21.09 -15.41
N GLN A 46 3.77 -20.21 -16.25
CA GLN A 46 3.32 -20.59 -17.58
C GLN A 46 4.37 -20.23 -18.63
N ILE A 47 4.59 -21.12 -19.58
CA ILE A 47 5.57 -20.90 -20.64
C ILE A 47 5.16 -21.61 -21.92
N HIS A 48 5.42 -20.98 -23.06
CA HIS A 48 5.09 -21.55 -24.36
C HIS A 48 6.26 -21.44 -25.33
N SER A 49 6.90 -22.56 -25.61
CA SER A 49 8.05 -22.57 -26.52
C SER A 49 7.66 -23.20 -27.86
N ALA A 50 8.50 -23.00 -28.86
CA ALA A 50 8.26 -23.55 -30.19
C ALA A 50 8.55 -25.04 -30.23
N SER A 51 9.84 -25.39 -30.24
CA SER A 51 10.25 -26.79 -30.27
C SER A 51 11.35 -27.06 -29.25
N GLU A 52 10.99 -27.75 -28.18
CA GLU A 52 11.94 -28.08 -27.12
C GLU A 52 12.75 -29.33 -27.48
N ARG A 53 14.06 -29.19 -27.45
CA ARG A 53 14.95 -30.31 -27.78
C ARG A 53 15.66 -30.83 -26.54
N ILE A 54 15.64 -32.14 -26.36
CA ILE A 54 16.28 -32.77 -25.21
C ILE A 54 17.79 -32.54 -25.23
N ALA A 55 18.34 -32.17 -24.07
CA ALA A 55 19.78 -31.93 -23.95
C ALA A 55 20.49 -33.13 -23.35
N SER A 56 20.27 -34.30 -23.94
CA SER A 56 20.89 -35.53 -23.46
C SER A 56 21.22 -36.47 -24.62
N THR A 57 22.50 -36.76 -24.79
CA THR A 57 22.95 -37.64 -25.86
C THR A 57 23.76 -38.81 -25.31
N TYR A 58 23.31 -40.02 -25.58
CA TYR A 58 23.99 -41.23 -25.12
C TYR A 58 23.72 -42.41 -26.04
N LEU A 59 24.68 -43.32 -26.14
CA LEU A 59 24.54 -44.49 -26.99
C LEU A 59 23.76 -45.59 -26.27
N GLY A 1 -11.22 6.30 -20.24
CA GLY A 1 -11.09 4.90 -20.62
C GLY A 1 -12.21 4.44 -21.53
N GLY A 2 -13.44 4.55 -21.04
CA GLY A 2 -14.59 4.13 -21.83
C GLY A 2 -15.89 4.21 -21.05
N SER A 3 -15.94 3.53 -19.91
CA SER A 3 -17.13 3.53 -19.09
C SER A 3 -16.81 4.01 -17.67
N ASP A 4 -17.61 4.96 -17.18
CA ASP A 4 -17.41 5.51 -15.85
C ASP A 4 -17.70 4.46 -14.78
N GLU A 5 -18.76 3.69 -14.99
CA GLU A 5 -19.15 2.65 -14.05
C GLU A 5 -17.99 1.68 -13.80
N ASP A 6 -17.22 1.40 -14.85
CA ASP A 6 -16.09 0.50 -14.74
C ASP A 6 -14.86 1.22 -14.20
N ALA A 7 -14.63 2.44 -14.70
CA ALA A 7 -13.49 3.23 -14.27
C ALA A 7 -13.45 3.34 -12.74
N LEU A 8 -14.58 3.67 -12.14
CA LEU A 8 -14.67 3.81 -10.69
C LEU A 8 -14.56 2.45 -10.00
N LYS A 9 -15.14 1.43 -10.63
CA LYS A 9 -15.10 0.08 -10.08
C LYS A 9 -13.67 -0.36 -9.81
N ALA A 10 -12.76 0.03 -10.69
CA ALA A 10 -11.35 -0.32 -10.56
C ALA A 10 -10.75 0.33 -9.31
N ALA A 11 -11.19 1.54 -9.01
CA ALA A 11 -10.69 2.28 -7.85
C ALA A 11 -10.88 1.45 -6.57
N ARG A 12 -11.96 0.68 -6.52
CA ARG A 12 -12.24 -0.15 -5.35
C ARG A 12 -11.83 -1.60 -5.61
N ALA A 13 -10.83 -2.06 -4.86
CA ALA A 13 -10.35 -3.42 -5.00
C ALA A 13 -11.26 -4.41 -4.29
N ILE A 14 -12.27 -4.91 -5.01
CA ILE A 14 -13.20 -5.87 -4.43
C ILE A 14 -13.05 -7.25 -5.07
N LYS A 15 -12.77 -7.25 -6.37
CA LYS A 15 -12.59 -8.50 -7.11
C LYS A 15 -11.12 -8.79 -7.34
N PHE A 16 -10.30 -8.56 -6.31
CA PHE A 16 -8.87 -8.80 -6.41
C PHE A 16 -8.41 -9.81 -5.36
N LEU A 17 -7.93 -10.96 -5.82
CA LEU A 17 -7.46 -12.00 -4.92
C LEU A 17 -6.23 -12.70 -5.49
N TYR A 18 -5.41 -13.26 -4.60
CA TYR A 18 -4.19 -13.95 -5.02
C TYR A 18 -4.38 -15.46 -4.93
N GLN A 19 -4.06 -16.16 -6.03
CA GLN A 19 -4.19 -17.60 -6.08
C GLN A 19 -3.44 -18.25 -4.93
N SER A 20 -4.17 -18.96 -4.07
CA SER A 20 -3.58 -19.63 -2.93
C SER A 20 -4.54 -20.65 -2.33
N ASN A 21 -3.99 -21.76 -1.85
CA ASN A 21 -4.80 -22.81 -1.25
C ASN A 21 -5.86 -23.31 -2.23
N PRO A 22 -5.40 -24.01 -3.29
CA PRO A 22 -6.29 -24.56 -4.32
C PRO A 22 -7.15 -25.71 -3.79
N PRO A 23 -8.16 -26.10 -4.59
CA PRO A 23 -9.07 -27.19 -4.22
C PRO A 23 -8.39 -28.56 -4.26
N PRO A 24 -9.07 -29.57 -3.70
CA PRO A 24 -8.54 -30.94 -3.65
C PRO A 24 -8.51 -31.59 -5.04
N ASN A 25 -8.07 -32.85 -5.08
CA ASN A 25 -8.00 -33.58 -6.34
C ASN A 25 -8.28 -35.07 -6.12
N PRO A 26 -9.54 -35.40 -5.85
CA PRO A 26 -9.98 -36.78 -5.61
C PRO A 26 -9.92 -37.62 -6.88
N GLU A 27 -10.29 -37.02 -8.01
CA GLU A 27 -10.28 -37.71 -9.29
C GLU A 27 -10.12 -36.73 -10.45
N GLY A 28 -8.99 -36.81 -11.13
CA GLY A 28 -8.73 -35.92 -12.25
C GLY A 28 -7.81 -36.54 -13.28
N THR A 29 -8.23 -37.68 -13.83
CA THR A 29 -7.43 -38.38 -14.83
C THR A 29 -7.72 -37.84 -16.24
N ARG A 30 -7.25 -36.64 -16.50
CA ARG A 30 -7.46 -36.01 -17.81
C ARG A 30 -6.19 -36.07 -18.66
N GLN A 31 -5.16 -35.36 -18.20
CA GLN A 31 -3.89 -35.32 -18.92
C GLN A 31 -2.90 -36.31 -18.32
N ALA A 32 -3.43 -37.41 -17.80
CA ALA A 32 -2.59 -38.45 -17.20
C ALA A 32 -2.93 -39.82 -17.75
N ARG A 33 -1.99 -40.42 -18.48
CA ARG A 33 -2.20 -41.74 -19.07
C ARG A 33 -0.98 -42.63 -18.83
N ARG A 34 -1.19 -43.94 -18.94
CA ARG A 34 -0.11 -44.90 -18.74
C ARG A 34 0.95 -44.76 -19.82
N ASN A 35 2.21 -44.83 -19.42
CA ASN A 35 3.32 -44.71 -20.35
C ASN A 35 3.36 -45.90 -21.32
N ARG A 36 4.05 -45.73 -22.44
CA ARG A 36 4.16 -46.79 -23.43
C ARG A 36 5.34 -46.54 -24.36
N ARG A 37 6.10 -47.60 -24.64
CA ARG A 37 7.27 -47.49 -25.50
C ARG A 37 7.31 -48.64 -26.49
N ARG A 38 8.20 -48.55 -27.47
CA ARG A 38 8.34 -49.59 -28.49
C ARG A 38 9.16 -50.76 -27.96
N ARG A 39 8.50 -51.91 -27.79
CA ARG A 39 9.16 -53.10 -27.28
C ARG A 39 9.30 -54.15 -28.39
N TRP A 40 10.30 -55.01 -28.25
CA TRP A 40 10.54 -56.07 -29.23
C TRP A 40 9.82 -57.35 -28.85
N ARG A 41 9.84 -58.33 -29.74
CA ARG A 41 9.19 -59.61 -29.48
C ARG A 41 10.18 -60.76 -29.64
N GLU A 42 10.24 -61.62 -28.62
CA GLU A 42 11.14 -62.76 -28.64
C GLU A 42 10.46 -63.98 -29.28
N ARG A 43 11.22 -64.70 -30.10
CA ARG A 43 10.70 -65.89 -30.77
C ARG A 43 10.97 -67.14 -29.95
N GLN A 44 9.92 -67.91 -29.69
CA GLN A 44 10.06 -69.15 -28.92
C GLN A 44 10.91 -70.17 -29.67
N ARG A 45 11.59 -71.03 -28.92
CA ARG A 45 12.43 -72.05 -29.50
C ARG A 45 11.92 -73.45 -29.17
N GLN A 46 11.99 -74.36 -30.13
CA GLN A 46 11.53 -75.73 -29.94
C GLN A 46 12.69 -76.71 -29.99
N ILE A 47 12.73 -77.63 -29.03
CA ILE A 47 13.79 -78.62 -28.96
C ILE A 47 13.28 -79.93 -28.38
N HIS A 48 13.76 -81.06 -28.93
CA HIS A 48 13.35 -82.37 -28.46
C HIS A 48 11.84 -82.56 -28.61
N SER A 49 11.29 -82.03 -29.70
CA SER A 49 9.86 -82.14 -29.96
C SER A 49 9.57 -83.27 -30.93
N ALA A 50 8.77 -84.24 -30.48
CA ALA A 50 8.41 -85.38 -31.31
C ALA A 50 7.00 -85.23 -31.87
N SER A 51 6.74 -84.10 -32.52
CA SER A 51 5.43 -83.84 -33.10
C SER A 51 5.37 -84.32 -34.55
N GLU A 52 4.19 -84.20 -35.16
CA GLU A 52 4.00 -84.62 -36.53
C GLU A 52 4.00 -83.44 -37.49
N ARG A 53 5.19 -83.06 -37.96
CA ARG A 53 5.33 -81.94 -38.87
C ARG A 53 6.36 -82.24 -39.95
N ILE A 54 6.07 -81.80 -41.17
CA ILE A 54 6.97 -82.03 -42.30
C ILE A 54 7.53 -80.71 -42.83
N ALA A 55 8.82 -80.70 -43.14
CA ALA A 55 9.48 -79.51 -43.65
C ALA A 55 9.41 -79.48 -45.19
N SER A 56 8.20 -79.49 -45.73
CA SER A 56 8.01 -79.46 -47.18
C SER A 56 7.57 -78.08 -47.63
N THR A 57 8.36 -77.07 -47.30
CA THR A 57 8.05 -75.69 -47.68
C THR A 57 7.86 -75.57 -49.20
N TYR A 58 8.92 -75.89 -49.95
CA TYR A 58 8.87 -75.81 -51.40
C TYR A 58 8.47 -74.41 -51.86
N LEU A 59 9.04 -73.41 -51.20
CA LEU A 59 8.75 -72.01 -51.54
C LEU A 59 9.86 -71.43 -52.41
N GLY A 1 -20.81 6.87 -25.45
CA GLY A 1 -20.06 5.80 -24.81
C GLY A 1 -19.35 6.25 -23.56
N GLY A 2 -18.06 5.93 -23.46
CA GLY A 2 -17.30 6.32 -22.28
C GLY A 2 -17.86 5.75 -21.00
N SER A 3 -17.42 4.55 -20.64
CA SER A 3 -17.91 3.90 -19.42
C SER A 3 -17.25 4.51 -18.19
N ASP A 4 -18.08 4.94 -17.24
CA ASP A 4 -17.58 5.53 -16.00
C ASP A 4 -17.64 4.53 -14.85
N GLU A 5 -18.68 3.72 -14.84
CA GLU A 5 -18.85 2.71 -13.79
C GLU A 5 -17.65 1.79 -13.72
N ASP A 6 -17.12 1.41 -14.88
CA ASP A 6 -15.96 0.53 -14.95
C ASP A 6 -14.76 1.14 -14.22
N ALA A 7 -14.39 2.35 -14.63
CA ALA A 7 -13.25 3.05 -14.03
C ALA A 7 -13.48 3.26 -12.54
N LEU A 8 -14.71 3.60 -12.17
CA LEU A 8 -15.07 3.83 -10.77
C LEU A 8 -14.81 2.59 -9.93
N LYS A 9 -15.25 1.43 -10.45
CA LYS A 9 -15.06 0.17 -9.74
C LYS A 9 -13.59 -0.23 -9.71
N ALA A 10 -12.91 -0.02 -10.83
CA ALA A 10 -11.49 -0.35 -10.94
C ALA A 10 -10.70 0.27 -9.79
N ALA A 11 -10.91 1.56 -9.57
CA ALA A 11 -10.22 2.29 -8.51
C ALA A 11 -11.02 3.49 -8.04
N ARG A 12 -10.95 3.78 -6.74
CA ARG A 12 -11.67 4.91 -6.18
C ARG A 12 -10.74 6.09 -5.94
N ALA A 13 -10.17 6.62 -7.02
CA ALA A 13 -9.27 7.75 -6.93
C ALA A 13 -8.13 7.46 -5.95
N ILE A 14 -7.64 6.23 -5.98
CA ILE A 14 -6.55 5.83 -5.09
C ILE A 14 -5.29 6.64 -5.37
N LYS A 15 -5.08 6.97 -6.64
CA LYS A 15 -3.91 7.76 -7.04
C LYS A 15 -3.92 9.13 -6.38
N PHE A 16 -2.88 9.91 -6.63
CA PHE A 16 -2.77 11.25 -6.06
C PHE A 16 -1.74 12.09 -6.82
N LEU A 17 -1.88 13.41 -6.74
CA LEU A 17 -0.97 14.32 -7.41
C LEU A 17 0.33 14.48 -6.62
N TYR A 18 1.44 14.18 -7.27
CA TYR A 18 2.75 14.29 -6.62
C TYR A 18 3.37 15.67 -6.88
N GLN A 19 3.52 16.45 -5.82
CA GLN A 19 4.10 17.79 -5.93
C GLN A 19 5.36 17.91 -5.08
N SER A 20 6.40 17.19 -5.46
CA SER A 20 7.66 17.22 -4.73
C SER A 20 8.52 18.39 -5.16
N ASN A 21 7.96 19.60 -5.07
CA ASN A 21 8.67 20.80 -5.46
C ASN A 21 9.05 21.63 -4.23
N PRO A 22 10.09 22.46 -4.39
CA PRO A 22 10.57 23.32 -3.30
C PRO A 22 9.59 24.43 -2.96
N PRO A 23 9.83 25.11 -1.82
CA PRO A 23 8.98 26.21 -1.36
C PRO A 23 9.11 27.45 -2.23
N PRO A 24 8.19 28.42 -2.05
CA PRO A 24 8.19 29.66 -2.81
C PRO A 24 9.35 30.57 -2.44
N ASN A 25 10.08 31.04 -3.46
CA ASN A 25 11.21 31.93 -3.24
C ASN A 25 11.06 33.22 -4.02
N PRO A 26 10.15 34.09 -3.54
CA PRO A 26 9.89 35.38 -4.18
C PRO A 26 11.05 36.36 -4.02
N GLU A 27 11.73 36.28 -2.89
CA GLU A 27 12.87 37.15 -2.62
C GLU A 27 14.18 36.44 -2.89
N GLY A 28 14.21 35.63 -3.94
CA GLY A 28 15.41 34.90 -4.29
C GLY A 28 15.50 33.55 -3.59
N THR A 29 16.03 32.56 -4.29
CA THR A 29 16.16 31.23 -3.73
C THR A 29 17.35 31.14 -2.78
N ARG A 30 17.20 31.76 -1.61
CA ARG A 30 18.25 31.77 -0.61
C ARG A 30 17.68 31.59 0.79
N GLN A 31 18.55 31.56 1.79
CA GLN A 31 18.13 31.40 3.18
C GLN A 31 18.65 32.54 4.05
N ALA A 32 17.77 33.48 4.35
CA ALA A 32 18.14 34.64 5.17
C ALA A 32 19.33 35.38 4.58
N ARG A 33 19.22 35.74 3.30
CA ARG A 33 20.29 36.45 2.61
C ARG A 33 20.46 37.85 3.19
N ARG A 34 21.47 38.56 2.70
CA ARG A 34 21.75 39.92 3.16
C ARG A 34 20.76 40.92 2.55
N ASN A 35 20.73 42.12 3.10
CA ASN A 35 19.83 43.17 2.62
C ASN A 35 20.48 43.97 1.50
N ARG A 36 19.65 44.46 0.58
CA ARG A 36 20.14 45.25 -0.55
C ARG A 36 19.15 46.35 -0.92
N ARG A 37 19.66 47.54 -1.17
CA ARG A 37 18.83 48.68 -1.53
C ARG A 37 18.64 48.75 -3.04
N ARG A 38 17.45 48.36 -3.51
CA ARG A 38 17.14 48.39 -4.93
C ARG A 38 16.16 49.51 -5.26
N ARG A 39 16.52 50.73 -4.88
CA ARG A 39 15.67 51.88 -5.14
C ARG A 39 16.45 53.00 -5.82
N TRP A 40 15.99 53.43 -6.98
CA TRP A 40 16.65 54.49 -7.73
C TRP A 40 16.85 55.72 -6.86
N ARG A 41 17.64 56.67 -7.35
CA ARG A 41 17.92 57.90 -6.63
C ARG A 41 17.90 59.11 -7.55
N GLU A 42 17.65 60.29 -6.99
CA GLU A 42 17.61 61.51 -7.76
C GLU A 42 18.98 61.85 -8.32
N ARG A 43 19.00 62.52 -9.47
CA ARG A 43 20.25 62.91 -10.11
C ARG A 43 20.02 64.02 -11.13
N GLN A 44 20.89 65.03 -11.10
CA GLN A 44 20.78 66.16 -12.02
C GLN A 44 19.45 66.88 -11.84
N ARG A 45 19.10 67.16 -10.60
CA ARG A 45 17.86 67.85 -10.29
C ARG A 45 18.10 69.33 -10.00
N GLN A 46 17.31 70.19 -10.64
CA GLN A 46 17.44 71.63 -10.45
C GLN A 46 16.08 72.28 -10.21
N ILE A 47 16.09 73.54 -9.82
CA ILE A 47 14.86 74.27 -9.55
C ILE A 47 14.90 75.67 -10.17
N HIS A 48 13.93 75.96 -11.03
CA HIS A 48 13.85 77.26 -11.69
C HIS A 48 12.44 77.53 -12.22
N SER A 49 11.93 78.71 -11.91
CA SER A 49 10.58 79.09 -12.35
C SER A 49 9.54 78.11 -11.81
N ALA A 50 9.70 77.72 -10.54
CA ALA A 50 8.78 76.80 -9.90
C ALA A 50 7.42 77.45 -9.67
N SER A 51 7.44 78.68 -9.14
CA SER A 51 6.21 79.41 -8.86
C SER A 51 6.09 80.63 -9.76
N GLU A 52 5.00 80.69 -10.53
CA GLU A 52 4.76 81.81 -11.44
C GLU A 52 3.82 82.82 -10.82
N ARG A 53 3.99 84.09 -11.18
CA ARG A 53 3.14 85.16 -10.66
C ARG A 53 3.36 86.45 -11.45
N ILE A 54 2.26 87.06 -11.87
CA ILE A 54 2.32 88.30 -12.64
C ILE A 54 1.78 89.48 -11.83
N ALA A 55 2.24 89.59 -10.59
CA ALA A 55 1.81 90.67 -9.71
C ALA A 55 2.90 91.73 -9.55
N SER A 56 2.63 92.93 -10.05
CA SER A 56 3.58 94.03 -9.98
C SER A 56 3.32 94.88 -8.75
N THR A 57 3.92 94.49 -7.62
CA THR A 57 3.77 95.22 -6.37
C THR A 57 2.29 95.35 -6.00
N TYR A 58 1.53 94.27 -6.19
CA TYR A 58 0.11 94.27 -5.88
C TYR A 58 -0.17 93.40 -4.65
N LEU A 59 -0.40 94.04 -3.51
CA LEU A 59 -0.69 93.33 -2.28
C LEU A 59 -2.18 93.07 -2.14
N GLY A 1 -15.58 8.54 -25.17
CA GLY A 1 -14.99 7.28 -24.72
C GLY A 1 -15.97 6.45 -23.91
N GLY A 2 -16.22 6.89 -22.67
CA GLY A 2 -17.13 6.16 -21.81
C GLY A 2 -16.41 5.37 -20.74
N SER A 3 -16.96 4.21 -20.39
CA SER A 3 -16.35 3.35 -19.37
C SER A 3 -16.16 4.13 -18.08
N ASP A 4 -17.21 4.79 -17.61
CA ASP A 4 -17.15 5.56 -16.38
C ASP A 4 -17.53 4.71 -15.17
N GLU A 5 -18.65 4.00 -15.28
CA GLU A 5 -19.12 3.14 -14.20
C GLU A 5 -18.09 2.06 -13.88
N ASP A 6 -17.45 1.54 -14.92
CA ASP A 6 -16.44 0.50 -14.75
C ASP A 6 -15.20 1.05 -14.04
N ALA A 7 -14.81 2.26 -14.40
CA ALA A 7 -13.64 2.90 -13.81
C ALA A 7 -13.82 3.04 -12.30
N LEU A 8 -15.03 3.34 -11.86
CA LEU A 8 -15.32 3.51 -10.45
C LEU A 8 -14.84 2.30 -9.65
N LYS A 9 -14.98 1.12 -10.24
CA LYS A 9 -14.55 -0.12 -9.60
C LYS A 9 -13.04 -0.30 -9.69
N ALA A 10 -12.48 0.08 -10.84
CA ALA A 10 -11.04 -0.03 -11.05
C ALA A 10 -10.27 0.84 -10.06
N ALA A 11 -10.71 2.08 -9.91
CA ALA A 11 -10.06 3.02 -8.99
C ALA A 11 -8.60 3.23 -9.38
N ARG A 12 -8.37 3.54 -10.65
CA ARG A 12 -7.02 3.77 -11.16
C ARG A 12 -6.79 5.26 -11.43
N ALA A 13 -5.53 5.63 -11.59
CA ALA A 13 -5.16 7.03 -11.86
C ALA A 13 -5.79 7.51 -13.16
N ILE A 14 -6.03 8.82 -13.23
CA ILE A 14 -6.63 9.41 -14.43
C ILE A 14 -5.75 10.52 -14.99
N LYS A 15 -5.12 11.28 -14.09
CA LYS A 15 -4.24 12.37 -14.50
C LYS A 15 -2.97 11.83 -15.14
N PHE A 16 -2.54 12.49 -16.22
CA PHE A 16 -1.33 12.07 -16.93
C PHE A 16 -0.56 13.30 -17.42
N LEU A 17 0.76 13.12 -17.60
CA LEU A 17 1.61 14.20 -18.07
C LEU A 17 2.41 13.77 -19.29
N TYR A 18 3.06 14.73 -19.94
CA TYR A 18 3.86 14.46 -21.12
C TYR A 18 5.35 14.42 -20.78
N GLN A 19 6.16 13.99 -21.74
CA GLN A 19 7.61 13.92 -21.53
C GLN A 19 8.29 15.19 -21.99
N SER A 20 9.09 15.78 -21.10
CA SER A 20 9.80 17.02 -21.41
C SER A 20 11.25 16.95 -20.94
N ASN A 21 12.07 17.87 -21.42
CA ASN A 21 13.48 17.91 -21.04
C ASN A 21 14.17 16.59 -21.37
N PRO A 22 14.38 16.34 -22.68
CA PRO A 22 15.03 15.12 -23.15
C PRO A 22 16.52 15.06 -22.80
N PRO A 23 17.12 13.88 -22.96
CA PRO A 23 18.54 13.68 -22.67
C PRO A 23 19.45 14.40 -23.66
N PRO A 24 20.76 14.48 -23.32
CA PRO A 24 21.75 15.14 -24.17
C PRO A 24 22.03 14.36 -25.46
N ASN A 25 22.93 14.88 -26.27
CA ASN A 25 23.29 14.23 -27.53
C ASN A 25 24.80 14.05 -27.64
N PRO A 26 25.34 13.09 -26.85
CA PRO A 26 26.77 12.80 -26.84
C PRO A 26 27.23 12.14 -28.13
N GLU A 27 26.40 11.26 -28.68
CA GLU A 27 26.73 10.56 -29.92
C GLU A 27 26.05 11.22 -31.12
N GLY A 28 26.07 12.55 -31.13
CA GLY A 28 25.46 13.29 -32.22
C GLY A 28 26.49 13.82 -33.21
N THR A 29 27.27 12.91 -33.79
CA THR A 29 28.29 13.30 -34.75
C THR A 29 27.97 12.75 -36.14
N ARG A 30 26.94 13.32 -36.76
CA ARG A 30 26.53 12.90 -38.09
C ARG A 30 27.62 13.18 -39.12
N GLN A 31 27.35 12.85 -40.38
CA GLN A 31 28.31 13.07 -41.46
C GLN A 31 27.68 13.87 -42.59
N ALA A 32 27.99 15.15 -42.65
CA ALA A 32 27.46 16.03 -43.69
C ALA A 32 28.57 16.62 -44.54
N ARG A 33 28.83 16.00 -45.69
CA ARG A 33 29.88 16.46 -46.60
C ARG A 33 29.30 16.80 -47.97
N ARG A 34 29.91 17.75 -48.65
CA ARG A 34 29.47 18.16 -49.97
C ARG A 34 30.62 18.72 -50.80
N ASN A 35 30.42 18.79 -52.11
CA ASN A 35 31.45 19.30 -53.01
C ASN A 35 31.16 20.74 -53.40
N ARG A 36 32.19 21.43 -53.90
CA ARG A 36 32.05 22.83 -54.31
C ARG A 36 32.52 23.02 -55.74
N ARG A 37 31.78 23.80 -56.50
CA ARG A 37 32.12 24.07 -57.90
C ARG A 37 33.45 24.80 -58.00
N ARG A 38 33.71 25.70 -57.04
CA ARG A 38 34.94 26.47 -57.03
C ARG A 38 36.05 25.70 -56.31
N ARG A 39 36.98 25.16 -57.08
CA ARG A 39 38.09 24.40 -56.51
C ARG A 39 39.41 25.16 -56.70
N TRP A 40 39.71 26.05 -55.77
CA TRP A 40 40.93 26.84 -55.82
C TRP A 40 41.98 26.27 -54.88
N ARG A 41 42.74 25.30 -55.36
CA ARG A 41 43.78 24.67 -54.55
C ARG A 41 45.08 25.48 -54.59
N GLU A 42 45.45 26.04 -53.45
CA GLU A 42 46.66 26.85 -53.35
C GLU A 42 47.62 26.27 -52.32
N ARG A 43 48.86 26.74 -52.35
CA ARG A 43 49.88 26.27 -51.42
C ARG A 43 50.40 27.41 -50.55
N GLN A 44 50.68 27.10 -49.29
CA GLN A 44 51.18 28.11 -48.35
C GLN A 44 52.44 28.77 -48.88
N ARG A 45 52.53 30.08 -48.69
CA ARG A 45 53.69 30.84 -49.16
C ARG A 45 54.95 30.43 -48.40
N GLN A 46 56.10 30.65 -49.01
CA GLN A 46 57.38 30.30 -48.40
C GLN A 46 58.19 31.55 -48.08
N ILE A 47 58.85 31.54 -46.93
CA ILE A 47 59.66 32.67 -46.50
C ILE A 47 60.98 32.73 -47.27
N HIS A 48 61.06 33.64 -48.24
CA HIS A 48 62.27 33.79 -49.04
C HIS A 48 62.71 35.25 -49.06
N SER A 49 63.17 35.75 -47.92
CA SER A 49 63.63 37.12 -47.81
C SER A 49 65.14 37.19 -47.61
N ALA A 50 65.78 38.18 -48.23
CA ALA A 50 67.22 38.34 -48.12
C ALA A 50 67.57 39.77 -47.71
N SER A 51 66.83 40.32 -46.77
CA SER A 51 67.07 41.68 -46.30
C SER A 51 68.11 41.70 -45.18
N GLU A 52 69.01 42.68 -45.24
CA GLU A 52 70.06 42.80 -44.24
C GLU A 52 69.76 43.94 -43.27
N ARG A 53 70.44 43.95 -42.13
CA ARG A 53 70.24 44.98 -41.12
C ARG A 53 71.56 45.65 -40.75
N ILE A 54 71.84 46.76 -41.42
CA ILE A 54 73.08 47.50 -41.17
C ILE A 54 73.01 48.26 -39.84
N ALA A 55 74.14 48.33 -39.15
CA ALA A 55 74.21 49.03 -37.87
C ALA A 55 74.55 50.51 -38.06
N SER A 56 73.79 51.38 -37.39
CA SER A 56 74.02 52.81 -37.49
C SER A 56 74.68 53.35 -36.23
N THR A 57 75.89 52.88 -35.95
CA THR A 57 76.63 53.31 -34.78
C THR A 57 77.57 54.45 -35.12
N TYR A 58 77.88 55.27 -34.11
CA TYR A 58 78.77 56.42 -34.31
C TYR A 58 80.24 55.99 -34.19
N LEU A 59 80.53 55.15 -33.21
CA LEU A 59 81.89 54.65 -33.00
C LEU A 59 82.16 53.43 -33.86
N GLY A 1 -24.32 4.14 -18.19
CA GLY A 1 -22.91 4.15 -17.86
C GLY A 1 -22.10 3.26 -18.78
N GLY A 2 -21.45 2.25 -18.21
CA GLY A 2 -20.64 1.34 -19.00
C GLY A 2 -19.16 1.48 -18.73
N SER A 3 -18.55 2.49 -19.33
CA SER A 3 -17.11 2.74 -19.15
C SER A 3 -16.86 3.58 -17.91
N ASP A 4 -17.60 4.68 -17.79
CA ASP A 4 -17.46 5.58 -16.64
C ASP A 4 -17.67 4.82 -15.34
N GLU A 5 -18.68 3.94 -15.31
CA GLU A 5 -18.99 3.16 -14.12
C GLU A 5 -17.85 2.21 -13.79
N ASP A 6 -17.39 1.46 -14.79
CA ASP A 6 -16.31 0.51 -14.61
C ASP A 6 -15.09 1.18 -13.98
N ALA A 7 -14.82 2.41 -14.39
CA ALA A 7 -13.69 3.17 -13.87
C ALA A 7 -13.72 3.22 -12.34
N LEU A 8 -14.91 3.46 -11.80
CA LEU A 8 -15.08 3.54 -10.34
C LEU A 8 -14.66 2.23 -9.67
N LYS A 9 -15.03 1.11 -10.31
CA LYS A 9 -14.70 -0.21 -9.77
C LYS A 9 -13.19 -0.39 -9.70
N ALA A 10 -12.51 -0.14 -10.82
CA ALA A 10 -11.05 -0.27 -10.87
C ALA A 10 -10.37 0.64 -9.86
N ALA A 11 -10.73 1.91 -9.87
CA ALA A 11 -10.16 2.88 -8.96
C ALA A 11 -10.57 2.59 -7.52
N ARG A 12 -9.85 3.17 -6.57
CA ARG A 12 -10.14 2.97 -5.16
C ARG A 12 -10.02 4.29 -4.39
N ALA A 13 -10.93 4.48 -3.43
CA ALA A 13 -10.93 5.69 -2.62
C ALA A 13 -10.01 5.55 -1.41
N ILE A 14 -8.84 6.18 -1.48
CA ILE A 14 -7.88 6.12 -0.40
C ILE A 14 -7.69 7.49 0.26
N LYS A 15 -8.72 7.95 0.94
CA LYS A 15 -8.67 9.25 1.61
C LYS A 15 -9.23 9.15 3.03
N PHE A 16 -8.62 9.90 3.96
CA PHE A 16 -9.06 9.90 5.34
C PHE A 16 -9.64 11.26 5.73
N LEU A 17 -10.34 11.29 6.85
CA LEU A 17 -10.96 12.53 7.34
C LEU A 17 -10.15 13.11 8.50
N TYR A 18 -9.94 14.42 8.45
CA TYR A 18 -9.18 15.11 9.50
C TYR A 18 -10.12 15.87 10.43
N GLN A 19 -9.87 15.75 11.73
CA GLN A 19 -10.69 16.42 12.73
C GLN A 19 -10.00 17.67 13.24
N SER A 20 -9.95 18.70 12.39
CA SER A 20 -9.32 19.97 12.76
C SER A 20 -10.29 21.13 12.59
N ASN A 21 -10.58 21.82 13.69
CA ASN A 21 -11.49 22.95 13.67
C ASN A 21 -12.90 22.51 13.26
N PRO A 22 -13.90 23.30 13.67
CA PRO A 22 -15.31 23.02 13.35
C PRO A 22 -15.62 23.20 11.87
N PRO A 23 -16.81 22.71 11.46
CA PRO A 23 -17.25 22.81 10.07
C PRO A 23 -17.58 24.25 9.66
N PRO A 24 -17.75 24.46 8.35
CA PRO A 24 -18.07 25.79 7.81
C PRO A 24 -19.49 26.24 8.16
N ASN A 25 -19.74 27.54 8.04
CA ASN A 25 -21.05 28.09 8.36
C ASN A 25 -21.33 29.32 7.51
N PRO A 26 -21.51 29.12 6.20
CA PRO A 26 -21.79 30.20 5.25
C PRO A 26 -23.19 30.80 5.44
N GLU A 27 -24.13 29.96 5.84
CA GLU A 27 -25.51 30.40 6.06
C GLU A 27 -25.86 30.35 7.54
N GLY A 28 -25.64 31.47 8.24
CA GLY A 28 -25.95 31.54 9.65
C GLY A 28 -27.36 31.09 9.97
N THR A 29 -27.50 29.89 10.52
CA THR A 29 -28.80 29.34 10.87
C THR A 29 -28.87 28.99 12.35
N ARG A 30 -28.91 30.00 13.20
CA ARG A 30 -28.98 29.80 14.64
C ARG A 30 -30.12 28.86 15.00
N GLN A 31 -29.99 28.17 16.12
CA GLN A 31 -31.01 27.23 16.57
C GLN A 31 -30.66 26.67 17.95
N ALA A 32 -31.64 26.68 18.85
CA ALA A 32 -31.43 26.17 20.20
C ALA A 32 -30.85 24.75 20.17
N ARG A 33 -30.03 24.43 21.16
CA ARG A 33 -29.41 23.12 21.24
C ARG A 33 -30.46 22.01 21.18
N ARG A 34 -30.22 21.02 20.33
CA ARG A 34 -31.14 19.91 20.18
C ARG A 34 -30.41 18.57 20.28
N ASN A 35 -31.14 17.48 20.06
CA ASN A 35 -30.56 16.15 20.12
C ASN A 35 -30.13 15.68 18.75
N ARG A 36 -29.18 14.74 18.72
CA ARG A 36 -28.67 14.21 17.46
C ARG A 36 -28.93 12.71 17.35
N ARG A 37 -29.41 12.27 16.20
CA ARG A 37 -29.71 10.87 15.98
C ARG A 37 -30.66 10.33 17.04
N ARG A 38 -31.79 11.01 17.22
CA ARG A 38 -32.79 10.61 18.20
C ARG A 38 -33.67 9.49 17.66
N ARG A 39 -34.10 8.60 18.55
CA ARG A 39 -34.94 7.47 18.16
C ARG A 39 -35.49 6.76 19.39
N TRP A 40 -36.65 6.13 19.23
CA TRP A 40 -37.29 5.41 20.33
C TRP A 40 -36.42 4.25 20.79
N ARG A 41 -35.91 3.47 19.84
CA ARG A 41 -35.06 2.33 20.15
C ARG A 41 -33.60 2.74 20.20
N GLU A 42 -32.82 2.05 21.03
CA GLU A 42 -31.40 2.33 21.16
C GLU A 42 -30.57 1.06 21.07
N ARG A 43 -29.26 1.22 20.91
CA ARG A 43 -28.36 0.08 20.80
C ARG A 43 -27.06 0.34 21.56
N GLN A 44 -26.62 -0.65 22.32
CA GLN A 44 -25.39 -0.52 23.10
C GLN A 44 -24.52 -1.77 22.95
N ARG A 45 -23.28 -1.56 22.53
CA ARG A 45 -22.34 -2.66 22.35
C ARG A 45 -20.92 -2.24 22.72
N GLN A 46 -19.99 -3.19 22.64
CA GLN A 46 -18.60 -2.92 22.98
C GLN A 46 -17.71 -3.01 21.74
N ILE A 47 -16.92 -1.97 21.50
CA ILE A 47 -16.02 -1.95 20.35
C ILE A 47 -14.58 -2.14 20.78
N HIS A 48 -14.27 -3.32 21.29
CA HIS A 48 -12.91 -3.64 21.74
C HIS A 48 -12.40 -2.57 22.70
N SER A 49 -13.18 -2.28 23.74
CA SER A 49 -12.80 -1.28 24.72
C SER A 49 -13.79 -1.26 25.88
N ALA A 50 -13.28 -1.09 27.10
CA ALA A 50 -14.12 -1.05 28.28
C ALA A 50 -13.87 0.22 29.08
N SER A 51 -14.52 1.30 28.68
CA SER A 51 -14.37 2.59 29.36
C SER A 51 -15.46 2.79 30.42
N GLU A 52 -15.04 3.04 31.65
CA GLU A 52 -15.98 3.26 32.75
C GLU A 52 -16.68 4.60 32.62
N ARG A 53 -17.54 4.90 33.58
CA ARG A 53 -18.28 6.16 33.58
C ARG A 53 -17.32 7.35 33.64
N ILE A 54 -17.80 8.52 33.21
CA ILE A 54 -17.00 9.73 33.22
C ILE A 54 -16.56 10.09 34.64
N ALA A 55 -15.85 11.20 34.77
CA ALA A 55 -15.38 11.65 36.07
C ALA A 55 -16.54 12.07 36.96
N SER A 56 -16.52 11.61 38.21
CA SER A 56 -17.58 11.93 39.16
C SER A 56 -17.10 12.96 40.17
N THR A 57 -16.91 14.19 39.70
CA THR A 57 -16.46 15.27 40.57
C THR A 57 -17.64 16.04 41.18
N TYR A 58 -17.68 16.09 42.49
CA TYR A 58 -18.76 16.79 43.19
C TYR A 58 -18.47 18.28 43.32
N LEU A 59 -19.50 19.06 43.58
CA LEU A 59 -19.35 20.50 43.72
C LEU A 59 -18.80 20.86 45.10
N GLY A 1 -18.52 6.22 -26.27
CA GLY A 1 -17.95 4.94 -25.90
C GLY A 1 -17.40 4.93 -24.48
N GLY A 2 -16.89 3.79 -24.05
CA GLY A 2 -16.34 3.68 -22.70
C GLY A 2 -17.41 3.68 -21.63
N SER A 3 -17.00 3.43 -20.40
CA SER A 3 -17.94 3.39 -19.27
C SER A 3 -17.33 4.03 -18.03
N ASP A 4 -18.14 4.80 -17.31
CA ASP A 4 -17.67 5.47 -16.10
C ASP A 4 -17.69 4.51 -14.91
N GLU A 5 -18.73 3.69 -14.84
CA GLU A 5 -18.87 2.72 -13.75
C GLU A 5 -17.65 1.80 -13.68
N ASP A 6 -17.13 1.44 -14.84
CA ASP A 6 -15.97 0.56 -14.93
C ASP A 6 -14.75 1.20 -14.26
N ALA A 7 -14.45 2.44 -14.65
CA ALA A 7 -13.32 3.16 -14.08
C ALA A 7 -13.43 3.27 -12.57
N LEU A 8 -14.60 3.69 -12.10
CA LEU A 8 -14.85 3.85 -10.67
C LEU A 8 -14.70 2.51 -9.95
N LYS A 9 -15.23 1.46 -10.55
CA LYS A 9 -15.14 0.12 -9.96
C LYS A 9 -13.69 -0.30 -9.76
N ALA A 10 -12.87 -0.07 -10.79
CA ALA A 10 -11.46 -0.43 -10.73
C ALA A 10 -10.76 0.30 -9.57
N ALA A 11 -10.89 1.62 -9.53
CA ALA A 11 -10.29 2.42 -8.48
C ALA A 11 -11.28 2.70 -7.36
N ARG A 12 -11.41 1.76 -6.43
CA ARG A 12 -12.33 1.91 -5.31
C ARG A 12 -11.63 1.60 -3.99
N ALA A 13 -10.69 2.47 -3.60
CA ALA A 13 -9.95 2.29 -2.36
C ALA A 13 -9.82 3.61 -1.61
N ILE A 14 -10.54 3.71 -0.49
CA ILE A 14 -10.51 4.92 0.32
C ILE A 14 -9.23 4.98 1.17
N LYS A 15 -8.09 4.99 0.50
CA LYS A 15 -6.81 5.06 1.19
C LYS A 15 -5.99 6.25 0.72
N PHE A 16 -5.10 6.73 1.57
CA PHE A 16 -4.26 7.88 1.26
C PHE A 16 -3.20 8.09 2.34
N LEU A 17 -1.96 8.29 1.91
CA LEU A 17 -0.86 8.51 2.84
C LEU A 17 -0.65 10.01 3.09
N TYR A 18 -0.60 10.39 4.36
CA TYR A 18 -0.40 11.79 4.73
C TYR A 18 0.92 11.97 5.45
N GLN A 19 2.01 12.03 4.68
CA GLN A 19 3.34 12.22 5.24
C GLN A 19 3.64 13.70 5.45
N SER A 20 3.31 14.20 6.64
CA SER A 20 3.55 15.60 6.97
C SER A 20 4.93 15.80 7.59
N ASN A 21 5.73 16.66 6.97
CA ASN A 21 7.08 16.93 7.46
C ASN A 21 7.94 15.68 7.40
N PRO A 22 9.27 15.86 7.42
CA PRO A 22 10.24 14.76 7.38
C PRO A 22 10.23 13.93 8.65
N PRO A 23 10.88 12.76 8.60
CA PRO A 23 10.97 11.85 9.74
C PRO A 23 11.85 12.40 10.86
N PRO A 24 11.78 11.76 12.03
CA PRO A 24 12.56 12.17 13.20
C PRO A 24 14.05 11.90 13.03
N ASN A 25 14.82 12.09 14.10
CA ASN A 25 16.26 11.87 14.06
C ASN A 25 16.74 11.26 15.38
N PRO A 26 16.42 9.98 15.60
CA PRO A 26 16.82 9.27 16.81
C PRO A 26 18.32 9.00 16.87
N GLU A 27 18.91 8.74 15.70
CA GLU A 27 20.34 8.46 15.61
C GLU A 27 21.02 9.42 14.63
N GLY A 28 21.63 10.48 15.15
CA GLY A 28 22.30 11.44 14.31
C GLY A 28 23.68 11.79 14.81
N THR A 29 24.67 10.96 14.48
CA THR A 29 26.04 11.19 14.92
C THR A 29 26.79 12.07 13.92
N ARG A 30 26.45 13.34 13.89
CA ARG A 30 27.10 14.28 12.97
C ARG A 30 28.48 14.66 13.47
N GLN A 31 29.43 14.83 12.55
CA GLN A 31 30.79 15.19 12.90
C GLN A 31 31.38 14.19 13.88
N ALA A 32 30.96 12.93 13.78
CA ALA A 32 31.45 11.89 14.66
C ALA A 32 32.10 10.75 13.86
N ARG A 33 33.30 10.37 14.26
CA ARG A 33 34.03 9.30 13.58
C ARG A 33 33.58 7.93 14.09
N ARG A 34 33.39 6.99 13.18
CA ARG A 34 32.97 5.64 13.54
C ARG A 34 34.11 4.66 13.37
N ASN A 35 35.32 5.10 13.67
CA ASN A 35 36.51 4.26 13.55
C ASN A 35 37.34 4.30 14.83
N ARG A 36 37.97 3.18 15.16
CA ARG A 36 38.79 3.08 16.35
C ARG A 36 39.99 2.17 16.11
N ARG A 37 41.16 2.60 16.60
CA ARG A 37 42.38 1.82 16.44
C ARG A 37 42.90 1.34 17.79
N ARG A 38 43.26 0.06 17.86
CA ARG A 38 43.76 -0.54 19.09
C ARG A 38 45.11 -1.22 18.86
N ARG A 39 46.16 -0.41 18.74
CA ARG A 39 47.50 -0.93 18.52
C ARG A 39 48.02 -1.66 19.75
N TRP A 40 48.94 -2.60 19.53
CA TRP A 40 49.52 -3.36 20.63
C TRP A 40 51.02 -3.17 20.69
N ARG A 41 51.64 -3.69 21.76
CA ARG A 41 53.08 -3.57 21.94
C ARG A 41 53.73 -4.94 22.00
N GLU A 42 55.06 -4.98 21.87
CA GLU A 42 55.80 -6.24 21.92
C GLU A 42 56.44 -6.43 23.28
N ARG A 43 55.80 -7.22 24.13
CA ARG A 43 56.31 -7.50 25.47
C ARG A 43 57.64 -8.24 25.40
N GLN A 44 58.21 -8.53 26.56
CA GLN A 44 59.47 -9.25 26.64
C GLN A 44 59.30 -10.59 27.33
N ARG A 45 58.65 -11.53 26.64
CA ARG A 45 58.42 -12.86 27.19
C ARG A 45 59.73 -13.49 27.67
N GLN A 46 59.86 -13.66 28.99
CA GLN A 46 61.05 -14.25 29.56
C GLN A 46 60.80 -14.72 30.99
N ILE A 47 61.72 -15.53 31.52
CA ILE A 47 61.58 -16.05 32.87
C ILE A 47 62.95 -16.19 33.53
N HIS A 48 63.02 -15.85 34.82
CA HIS A 48 64.26 -15.93 35.57
C HIS A 48 64.02 -15.67 37.05
N SER A 49 64.83 -16.30 37.90
CA SER A 49 64.69 -16.13 39.35
C SER A 49 66.04 -15.78 39.97
N ALA A 50 66.14 -14.56 40.48
CA ALA A 50 67.37 -14.09 41.12
C ALA A 50 67.23 -14.06 42.64
N SER A 51 66.96 -15.22 43.22
CA SER A 51 66.80 -15.31 44.67
C SER A 51 68.11 -15.02 45.39
N GLU A 52 68.12 -13.95 46.18
CA GLU A 52 69.31 -13.55 46.92
C GLU A 52 69.06 -13.64 48.42
N ARG A 53 68.32 -14.66 48.85
CA ARG A 53 68.02 -14.85 50.25
C ARG A 53 68.70 -16.10 50.79
N ILE A 54 69.41 -15.94 51.91
CA ILE A 54 70.12 -17.06 52.54
C ILE A 54 69.63 -17.29 53.96
N ALA A 55 70.11 -18.37 54.57
CA ALA A 55 69.73 -18.71 55.93
C ALA A 55 70.92 -19.26 56.72
N SER A 56 70.94 -19.01 58.02
CA SER A 56 72.02 -19.48 58.88
C SER A 56 71.55 -20.64 59.75
N THR A 57 71.25 -21.77 59.10
CA THR A 57 70.79 -22.95 59.81
C THR A 57 71.43 -24.21 59.24
N TYR A 58 72.01 -25.03 60.11
CA TYR A 58 72.65 -26.27 59.69
C TYR A 58 72.72 -27.27 60.85
N LEU A 59 72.91 -28.54 60.51
CA LEU A 59 73.01 -29.59 61.52
C LEU A 59 74.27 -29.42 62.36
N GLY A 1 -12.26 2.09 -24.50
CA GLY A 1 -13.42 2.86 -24.96
C GLY A 1 -13.74 4.01 -24.04
N GLY A 2 -14.89 3.94 -23.38
CA GLY A 2 -15.30 5.00 -22.47
C GLY A 2 -16.30 4.52 -21.44
N SER A 3 -15.80 3.91 -20.37
CA SER A 3 -16.66 3.40 -19.31
C SER A 3 -16.52 4.24 -18.05
N ASP A 4 -17.67 4.66 -17.50
CA ASP A 4 -17.68 5.47 -16.30
C ASP A 4 -17.69 4.60 -15.04
N GLU A 5 -18.66 3.70 -14.98
CA GLU A 5 -18.79 2.80 -13.84
C GLU A 5 -17.55 1.91 -13.70
N ASP A 6 -17.09 1.37 -14.83
CA ASP A 6 -15.92 0.50 -14.83
C ASP A 6 -14.72 1.21 -14.21
N ALA A 7 -14.55 2.49 -14.54
CA ALA A 7 -13.44 3.27 -14.00
C ALA A 7 -13.50 3.35 -12.49
N LEU A 8 -14.67 3.70 -11.96
CA LEU A 8 -14.86 3.80 -10.52
C LEU A 8 -14.61 2.46 -9.84
N LYS A 9 -15.24 1.42 -10.36
CA LYS A 9 -15.09 0.08 -9.81
C LYS A 9 -13.62 -0.33 -9.75
N ALA A 10 -12.91 -0.11 -10.86
CA ALA A 10 -11.49 -0.46 -10.93
C ALA A 10 -10.70 0.25 -9.83
N ALA A 11 -11.10 1.47 -9.51
CA ALA A 11 -10.43 2.24 -8.47
C ALA A 11 -10.59 1.59 -7.11
N ARG A 12 -9.91 2.15 -6.11
CA ARG A 12 -9.98 1.62 -4.75
C ARG A 12 -9.41 0.20 -4.70
N ALA A 13 -8.27 0.00 -5.35
CA ALA A 13 -7.62 -1.30 -5.37
C ALA A 13 -6.96 -1.61 -4.02
N ILE A 14 -7.18 -2.83 -3.53
CA ILE A 14 -6.60 -3.25 -2.26
C ILE A 14 -5.56 -4.34 -2.46
N LYS A 15 -4.42 -3.96 -3.04
CA LYS A 15 -3.34 -4.90 -3.29
C LYS A 15 -2.27 -4.80 -2.21
N PHE A 16 -1.56 -5.90 -1.97
CA PHE A 16 -0.51 -5.93 -0.96
C PHE A 16 0.69 -6.72 -1.46
N LEU A 17 1.85 -6.06 -1.54
CA LEU A 17 3.07 -6.71 -1.99
C LEU A 17 3.87 -7.26 -0.82
N TYR A 18 4.55 -8.37 -1.05
CA TYR A 18 5.36 -9.00 -0.01
C TYR A 18 6.76 -8.40 0.05
N GLN A 19 7.18 -7.96 1.22
CA GLN A 19 8.49 -7.36 1.40
C GLN A 19 9.59 -8.43 1.35
N SER A 20 10.54 -8.25 0.44
CA SER A 20 11.63 -9.20 0.29
C SER A 20 12.92 -8.63 0.88
N ASN A 21 12.98 -8.54 2.20
CA ASN A 21 14.15 -8.01 2.89
C ASN A 21 14.36 -8.70 4.23
N PRO A 22 14.78 -9.98 4.18
CA PRO A 22 15.02 -10.79 5.38
C PRO A 22 16.25 -10.31 6.14
N PRO A 23 16.40 -10.82 7.38
CA PRO A 23 17.53 -10.47 8.25
C PRO A 23 18.85 -11.05 7.74
N PRO A 24 19.96 -10.57 8.31
CA PRO A 24 21.30 -11.04 7.94
C PRO A 24 21.57 -12.47 8.38
N ASN A 25 22.26 -13.22 7.53
CA ASN A 25 22.58 -14.63 7.83
C ASN A 25 24.07 -14.89 7.62
N PRO A 26 24.89 -14.35 8.53
CA PRO A 26 26.35 -14.53 8.48
C PRO A 26 26.77 -15.95 8.79
N GLU A 27 26.07 -16.59 9.73
CA GLU A 27 26.38 -17.96 10.12
C GLU A 27 26.21 -18.91 8.94
N GLY A 28 25.25 -18.60 8.07
CA GLY A 28 25.01 -19.44 6.92
C GLY A 28 24.10 -20.61 7.24
N THR A 29 23.07 -20.81 6.40
CA THR A 29 22.12 -21.89 6.61
C THR A 29 22.46 -23.08 5.72
N ARG A 30 23.45 -23.87 6.13
CA ARG A 30 23.87 -25.04 5.37
C ARG A 30 23.21 -26.31 5.90
N GLN A 31 22.58 -27.07 5.02
CA GLN A 31 21.92 -28.30 5.41
C GLN A 31 22.42 -29.48 4.59
N ALA A 32 23.25 -30.31 5.19
CA ALA A 32 23.81 -31.48 4.51
C ALA A 32 23.25 -32.77 5.09
N ARG A 33 22.45 -33.48 4.30
CA ARG A 33 21.84 -34.72 4.74
C ARG A 33 22.92 -35.78 4.98
N ARG A 34 23.18 -36.08 6.26
CA ARG A 34 24.18 -37.07 6.62
C ARG A 34 23.61 -38.07 7.62
N ASN A 35 23.75 -39.36 7.31
CA ASN A 35 23.24 -40.41 8.18
C ASN A 35 24.38 -41.06 8.97
N ARG A 36 24.10 -41.41 10.23
CA ARG A 36 25.11 -42.03 11.08
C ARG A 36 24.47 -43.09 11.97
N ARG A 37 25.09 -44.26 12.02
CA ARG A 37 24.60 -45.36 12.83
C ARG A 37 25.68 -45.90 13.76
N ARG A 38 26.91 -45.98 13.24
CA ARG A 38 28.03 -46.48 14.02
C ARG A 38 28.16 -45.72 15.34
N ARG A 39 28.43 -46.46 16.41
CA ARG A 39 28.57 -45.86 17.74
C ARG A 39 30.00 -45.37 17.96
N TRP A 40 30.94 -46.30 17.97
CA TRP A 40 32.35 -45.97 18.18
C TRP A 40 33.16 -46.27 16.92
N ARG A 41 34.40 -45.76 16.90
CA ARG A 41 35.28 -45.98 15.76
C ARG A 41 36.32 -47.06 16.06
N GLU A 42 36.54 -47.94 15.10
CA GLU A 42 37.52 -49.02 15.27
C GLU A 42 38.94 -48.47 15.34
N ARG A 43 39.71 -48.97 16.29
CA ARG A 43 41.09 -48.52 16.47
C ARG A 43 42.05 -49.71 16.40
N GLN A 44 43.24 -49.47 15.83
CA GLN A 44 44.24 -50.52 15.71
C GLN A 44 44.72 -50.98 17.08
N ARG A 45 44.14 -52.07 17.57
CA ARG A 45 44.51 -52.61 18.88
C ARG A 45 44.92 -54.08 18.75
N GLN A 46 45.81 -54.50 19.64
CA GLN A 46 46.29 -55.89 19.63
C GLN A 46 46.96 -56.24 20.95
N ILE A 47 46.72 -57.45 21.44
CA ILE A 47 47.30 -57.91 22.69
C ILE A 47 48.56 -58.74 22.45
N HIS A 48 49.60 -58.09 21.92
CA HIS A 48 50.86 -58.76 21.63
C HIS A 48 52.00 -58.15 22.46
N SER A 49 52.25 -58.74 23.63
CA SER A 49 53.31 -58.26 24.50
C SER A 49 54.69 -58.71 24.02
N ALA A 50 55.56 -57.75 23.75
CA ALA A 50 56.91 -58.04 23.28
C ALA A 50 57.91 -58.06 24.44
N SER A 51 57.93 -59.17 25.17
CA SER A 51 58.84 -59.31 26.31
C SER A 51 59.40 -60.72 26.38
N GLU A 52 60.20 -60.98 27.41
CA GLU A 52 60.80 -62.30 27.60
C GLU A 52 60.88 -62.65 29.08
N ARG A 53 61.21 -63.91 29.36
CA ARG A 53 61.32 -64.39 30.74
C ARG A 53 62.75 -64.25 31.24
N ILE A 54 62.89 -63.86 32.51
CA ILE A 54 64.20 -63.69 33.11
C ILE A 54 64.70 -65.01 33.69
N ALA A 55 65.66 -65.62 33.00
CA ALA A 55 66.24 -66.89 33.44
C ALA A 55 67.09 -66.70 34.69
N SER A 56 67.45 -67.81 35.33
CA SER A 56 68.26 -67.76 36.55
C SER A 56 69.70 -68.13 36.25
N THR A 57 70.52 -67.14 35.91
CA THR A 57 71.93 -67.36 35.59
C THR A 57 72.82 -66.41 36.38
N TYR A 58 73.28 -66.87 37.54
CA TYR A 58 74.16 -66.06 38.38
C TYR A 58 75.61 -66.45 38.20
N LEU A 59 76.36 -65.62 37.47
CA LEU A 59 77.77 -65.87 37.22
C LEU A 59 78.53 -66.09 38.53
#